data_5U3Q
#
_entry.id   5U3Q
#
_cell.length_a   39.460
_cell.length_b   94.350
_cell.length_c   96.730
_cell.angle_alpha   90.00
_cell.angle_beta   98.36
_cell.angle_gamma   90.00
#
_symmetry.space_group_name_H-M   'P 1 21 1'
#
loop_
_entity.id
_entity.type
_entity.pdbx_description
1 polymer 'Peroxisome proliferator-activated receptor delta'
2 non-polymer "6-(2-{[([1,1'-biphenyl]-4-carbonyl)(propan-2-yl)amino]methyl}phenoxy)hexanoic acid"
3 non-polymer 'heptyl beta-D-glucopyranoside'
4 non-polymer S-1,2-PROPANEDIOL
5 non-polymer DI(HYDROXYETHYL)ETHER
6 non-polymer 'POTASSIUM ION'
7 non-polymer 'CHLORIDE ION'
8 water water
#
_entity_poly.entity_id   1
_entity_poly.type   'polypeptide(L)'
_entity_poly.pdbx_seq_one_letter_code
;PQVADLKAFSKHIYNAYLKNFNMTKKKARSILTGKASHTAPFVIHDIETLWQAEKGLVWKQLVNGLPPYKEISVHVFYRC
QCTTVETVRELTEFAKSIPSFSSLFLNDQVTLLKYGVHEAIFAMLASIVNKDGLLVANGSGFVTREFLRSLRKPFSDIIE
PKFEFAVKFNALELDDSDLALFIAAIILCGDRPGLMNVPRVEAIQDTILRALEFHLQANHPDAQYLFPKLLQKMADLRQL
VTEHAQMMQRIKKTETETSLHPLLQEIYKDMY
;
_entity_poly.pdbx_strand_id   A,B
#
loop_
_chem_comp.id
_chem_comp.type
_chem_comp.name
_chem_comp.formula
7UJ non-polymer '6-(2-{[([1,1'-biphenyl]-4-carbonyl)(propan-2-yl)amino]methyl}phenoxy)hexanoic acid' 'C29 H33 N O4'
B7G D-saccharide 'heptyl beta-D-glucopyranoside' 'C13 H26 O6'
CL non-polymer 'CHLORIDE ION' 'Cl -1'
K non-polymer 'POTASSIUM ION' 'K 1'
PEG non-polymer DI(HYDROXYETHYL)ETHER 'C4 H10 O3'
PGO non-polymer S-1,2-PROPANEDIOL 'C3 H8 O2'
#
# COMPACT_ATOMS: atom_id res chain seq x y z
N ALA A 4 15.42 -15.68 -14.30
CA ALA A 4 14.92 -14.35 -14.65
C ALA A 4 15.55 -13.85 -15.95
N ASP A 5 14.70 -13.60 -16.95
CA ASP A 5 15.16 -13.17 -18.27
C ASP A 5 15.40 -11.68 -18.22
N LEU A 6 16.68 -11.28 -18.22
CA LEU A 6 16.99 -9.88 -17.89
C LEU A 6 16.59 -8.92 -18.99
N LYS A 7 16.67 -9.35 -20.26
CA LYS A 7 16.24 -8.48 -21.34
C LYS A 7 14.74 -8.21 -21.24
N ALA A 8 13.95 -9.25 -20.99
CA ALA A 8 12.51 -9.08 -20.88
C ALA A 8 12.14 -8.24 -19.66
N PHE A 9 12.81 -8.51 -18.54
CA PHE A 9 12.65 -7.72 -17.32
C PHE A 9 12.91 -6.24 -17.57
N SER A 10 14.03 -5.92 -18.21
CA SER A 10 14.37 -4.52 -18.45
C SER A 10 13.32 -3.85 -19.32
N LYS A 11 12.88 -4.54 -20.37
CA LYS A 11 11.87 -4.00 -21.26
C LYS A 11 10.55 -3.73 -20.52
N HIS A 12 10.14 -4.66 -19.64
CA HIS A 12 8.94 -4.46 -18.84
C HIS A 12 9.03 -3.21 -17.98
N ILE A 13 10.15 -3.06 -17.28
N ILE A 13 10.17 -3.00 -17.33
CA ILE A 13 10.40 -1.88 -16.45
CA ILE A 13 10.34 -1.86 -16.43
C ILE A 13 10.34 -0.62 -17.30
C ILE A 13 10.47 -0.58 -17.22
N TYR A 14 11.06 -0.62 -18.43
CA TYR A 14 11.07 0.55 -19.30
C TYR A 14 9.67 0.94 -19.71
N ASN A 15 8.84 -0.03 -20.11
CA ASN A 15 7.47 0.28 -20.51
C ASN A 15 6.65 0.83 -19.36
N ALA A 16 6.85 0.30 -18.16
CA ALA A 16 6.15 0.81 -16.99
C ALA A 16 6.55 2.25 -16.71
N TYR A 17 7.82 2.56 -16.93
CA TYR A 17 8.29 3.93 -16.78
C TYR A 17 7.62 4.86 -17.79
N LEU A 18 7.58 4.47 -19.08
CA LEU A 18 6.94 5.33 -20.07
C LEU A 18 5.46 5.49 -19.79
N LYS A 19 4.84 4.47 -19.21
CA LYS A 19 3.40 4.52 -18.94
C LYS A 19 3.08 5.46 -17.80
N ASN A 20 3.99 5.61 -16.83
CA ASN A 20 3.68 6.31 -15.60
C ASN A 20 4.32 7.69 -15.47
N PHE A 21 5.31 8.02 -16.29
CA PHE A 21 5.95 9.35 -16.25
C PHE A 21 5.74 10.06 -17.58
N ASN A 22 4.88 11.07 -17.62
CA ASN A 22 4.58 11.72 -18.89
C ASN A 22 5.81 12.46 -19.43
N MET A 23 6.51 13.20 -18.55
CA MET A 23 7.74 13.86 -18.92
C MET A 23 8.89 12.87 -18.82
N THR A 24 9.51 12.57 -19.95
CA THR A 24 10.68 11.71 -20.01
C THR A 24 11.89 12.55 -20.32
N LYS A 25 13.07 11.98 -20.11
CA LYS A 25 14.28 12.71 -20.48
C LYS A 25 14.33 12.99 -21.98
N LYS A 26 13.84 12.05 -22.79
CA LYS A 26 13.82 12.26 -24.24
C LYS A 26 12.99 13.51 -24.60
N LYS A 27 11.80 13.64 -24.02
CA LYS A 27 10.95 14.79 -24.29
C LYS A 27 11.58 16.07 -23.74
N ALA A 28 12.11 16.01 -22.52
CA ALA A 28 12.72 17.19 -21.91
C ALA A 28 13.89 17.70 -22.75
N ARG A 29 14.76 16.79 -23.19
CA ARG A 29 15.90 17.20 -24.01
C ARG A 29 15.46 17.79 -25.34
N SER A 30 14.39 17.27 -25.94
CA SER A 30 13.94 17.84 -27.19
C SER A 30 13.41 19.27 -27.00
N ILE A 31 12.90 19.60 -25.81
CA ILE A 31 12.51 20.98 -25.50
C ILE A 31 13.72 21.84 -25.19
N LEU A 32 14.60 21.33 -24.31
CA LEU A 32 15.72 22.13 -23.82
C LEU A 32 16.75 22.43 -24.90
N THR A 33 16.74 21.70 -26.00
CA THR A 33 17.64 21.95 -27.12
C THR A 33 16.90 22.40 -28.39
N GLY A 34 15.63 22.77 -28.30
CA GLY A 34 14.86 23.10 -29.49
C GLY A 34 14.52 21.86 -30.31
N THR A 39 8.14 24.37 -29.71
CA THR A 39 7.53 25.46 -28.94
C THR A 39 8.35 25.75 -27.66
N ALA A 40 9.03 26.89 -27.63
CA ALA A 40 10.02 27.15 -26.59
C ALA A 40 9.35 27.46 -25.26
N PRO A 41 9.97 27.10 -24.15
N PRO A 41 9.97 27.09 -24.16
CA PRO A 41 9.36 27.33 -22.84
CA PRO A 41 9.37 27.36 -22.85
C PRO A 41 9.47 28.78 -22.40
C PRO A 41 9.39 28.85 -22.55
N PHE A 42 8.40 29.27 -21.77
CA PHE A 42 8.38 30.61 -21.22
C PHE A 42 9.35 30.67 -20.05
N VAL A 43 10.24 31.67 -20.05
CA VAL A 43 11.29 31.75 -19.03
C VAL A 43 10.78 32.52 -17.81
N ILE A 44 10.89 31.90 -16.66
CA ILE A 44 10.51 32.46 -15.36
C ILE A 44 11.78 32.78 -14.62
N HIS A 45 12.05 34.08 -14.41
CA HIS A 45 13.29 34.48 -13.77
C HIS A 45 13.10 35.60 -12.74
N ASP A 46 11.86 35.98 -12.43
CA ASP A 46 11.60 37.09 -11.49
C ASP A 46 10.10 37.09 -11.16
N ILE A 47 9.69 38.02 -10.30
CA ILE A 47 8.28 38.04 -9.88
C ILE A 47 7.37 38.28 -11.07
N GLU A 48 7.70 39.25 -11.92
CA GLU A 48 6.80 39.57 -13.01
C GLU A 48 6.61 38.37 -13.93
N THR A 49 7.69 37.65 -14.27
CA THR A 49 7.50 36.54 -15.19
C THR A 49 6.82 35.37 -14.49
N LEU A 50 7.05 35.19 -13.19
CA LEU A 50 6.31 34.15 -12.47
C LEU A 50 4.81 34.46 -12.49
N TRP A 51 4.44 35.71 -12.24
CA TRP A 51 3.04 36.09 -12.29
C TRP A 51 2.44 35.83 -13.66
N GLN A 52 3.12 36.25 -14.72
CA GLN A 52 2.67 36.01 -16.09
C GLN A 52 2.54 34.51 -16.37
N ALA A 53 3.43 33.70 -15.81
CA ALA A 53 3.36 32.26 -16.04
C ALA A 53 2.19 31.63 -15.30
N GLU A 54 1.89 32.13 -14.10
CA GLU A 54 0.72 31.63 -13.39
C GLU A 54 -0.55 31.95 -14.17
N LYS A 55 -0.60 33.13 -14.78
CA LYS A 55 -1.77 33.50 -15.58
C LYS A 55 -1.84 32.72 -16.88
N GLY A 56 -0.70 32.49 -17.53
CA GLY A 56 -0.65 32.10 -18.93
C GLY A 56 -0.33 30.65 -19.22
N LEU A 57 0.37 29.96 -18.31
CA LEU A 57 0.69 28.56 -18.51
C LEU A 57 -0.35 27.67 -17.86
N VAL A 58 -0.41 26.42 -18.32
CA VAL A 58 -1.32 25.42 -17.79
C VAL A 58 -0.56 24.60 -16.75
N TRP A 59 -1.02 24.65 -15.50
CA TRP A 59 -0.40 23.94 -14.39
C TRP A 59 -1.27 22.77 -13.96
N LYS A 60 -0.63 21.67 -13.52
CA LYS A 60 -1.41 20.51 -13.06
C LYS A 60 -2.20 20.85 -11.81
N GLN A 61 -1.57 21.50 -10.83
CA GLN A 61 -2.25 21.99 -9.64
C GLN A 61 -2.66 23.44 -9.88
N LEU A 62 -3.97 23.70 -9.89
N LEU A 62 -3.96 23.70 -9.88
CA LEU A 62 -4.46 25.06 -10.02
CA LEU A 62 -4.44 25.06 -10.06
C LEU A 62 -3.99 25.90 -8.85
C LEU A 62 -4.06 25.93 -8.86
N VAL A 63 -3.72 27.18 -9.12
CA VAL A 63 -3.19 28.07 -8.09
C VAL A 63 -4.19 28.30 -6.97
N ASN A 64 -5.48 28.38 -7.30
CA ASN A 64 -6.48 28.60 -6.25
C ASN A 64 -6.47 27.48 -5.22
N GLY A 65 -5.88 26.33 -5.54
CA GLY A 65 -5.73 25.25 -4.58
C GLY A 65 -4.54 25.39 -3.65
N LEU A 66 -3.58 26.27 -3.98
CA LEU A 66 -2.45 26.47 -3.09
C LEU A 66 -2.81 27.49 -2.01
N PRO A 67 -2.02 27.53 -0.93
CA PRO A 67 -2.29 28.48 0.13
C PRO A 67 -2.18 29.90 -0.39
N PRO A 68 -2.90 30.82 0.21
CA PRO A 68 -2.93 32.19 -0.34
C PRO A 68 -1.54 32.81 -0.40
N TYR A 69 -1.26 33.48 -1.51
CA TYR A 69 0.07 34.02 -1.75
C TYR A 69 0.48 35.02 -0.68
N LYS A 70 1.67 34.81 -0.11
CA LYS A 70 2.29 35.74 0.82
C LYS A 70 3.60 36.30 0.28
N GLU A 71 4.50 35.44 -0.19
CA GLU A 71 5.77 35.90 -0.71
C GLU A 71 6.27 34.93 -1.76
N ILE A 72 7.15 35.41 -2.63
CA ILE A 72 7.59 34.60 -3.77
C ILE A 72 8.30 33.31 -3.32
N SER A 73 9.14 33.39 -2.29
CA SER A 73 9.94 32.22 -1.91
C SER A 73 9.04 31.07 -1.44
N VAL A 74 7.98 31.40 -0.70
CA VAL A 74 7.06 30.39 -0.18
C VAL A 74 6.15 29.87 -1.27
N HIS A 75 5.71 30.75 -2.17
CA HIS A 75 4.94 30.28 -3.31
C HIS A 75 5.75 29.30 -4.14
N VAL A 76 7.04 29.58 -4.37
CA VAL A 76 7.89 28.67 -5.12
C VAL A 76 7.98 27.35 -4.39
N PHE A 77 8.15 27.40 -3.07
CA PHE A 77 8.18 26.18 -2.27
C PHE A 77 6.90 25.36 -2.45
N TYR A 78 5.75 26.02 -2.43
CA TYR A 78 4.48 25.30 -2.63
C TYR A 78 4.40 24.66 -4.01
N ARG A 79 4.87 25.35 -5.05
CA ARG A 79 4.92 24.71 -6.37
C ARG A 79 5.86 23.50 -6.38
N CYS A 80 7.00 23.60 -5.68
CA CYS A 80 7.90 22.46 -5.53
C CYS A 80 7.20 21.29 -4.83
N GLN A 81 6.48 21.58 -3.74
CA GLN A 81 5.76 20.55 -2.99
C GLN A 81 4.70 19.90 -3.85
N CYS A 82 3.95 20.69 -4.63
CA CYS A 82 2.96 20.15 -5.55
C CYS A 82 3.54 19.09 -6.45
N THR A 83 4.65 19.43 -7.10
CA THR A 83 5.25 18.52 -8.05
C THR A 83 5.82 17.30 -7.34
N THR A 84 6.37 17.50 -6.15
N THR A 84 6.41 17.44 -6.14
CA THR A 84 6.90 16.38 -5.38
CA THR A 84 6.92 16.21 -5.52
C THR A 84 5.80 15.35 -5.12
C THR A 84 5.79 15.27 -5.12
N VAL A 85 4.67 15.81 -4.59
CA VAL A 85 3.55 14.93 -4.26
C VAL A 85 3.04 14.23 -5.51
N GLU A 86 2.96 14.96 -6.62
N GLU A 86 2.92 15.00 -6.60
CA GLU A 86 2.48 14.34 -7.84
CA GLU A 86 2.53 14.44 -7.89
C GLU A 86 3.45 13.27 -8.33
C GLU A 86 3.44 13.29 -8.28
N THR A 87 4.75 13.47 -8.12
CA THR A 87 5.72 12.47 -8.54
C THR A 87 5.67 11.27 -7.61
N VAL A 88 5.36 11.47 -6.33
CA VAL A 88 5.15 10.32 -5.44
C VAL A 88 4.02 9.45 -5.96
N ARG A 89 2.92 10.09 -6.43
CA ARG A 89 1.82 9.31 -7.01
C ARG A 89 2.30 8.48 -8.19
N GLU A 90 3.08 9.09 -9.10
CA GLU A 90 3.56 8.36 -10.28
C GLU A 90 4.50 7.23 -9.88
N LEU A 91 5.37 7.49 -8.91
CA LEU A 91 6.31 6.47 -8.45
C LEU A 91 5.58 5.30 -7.80
N THR A 92 4.49 5.57 -7.08
CA THR A 92 3.69 4.49 -6.49
C THR A 92 3.13 3.60 -7.61
N GLU A 93 2.57 4.21 -8.65
CA GLU A 93 2.01 3.39 -9.72
C GLU A 93 3.11 2.68 -10.51
N PHE A 94 4.25 3.34 -10.71
CA PHE A 94 5.38 2.69 -11.36
C PHE A 94 5.82 1.47 -10.58
N ALA A 95 5.99 1.62 -9.26
CA ALA A 95 6.47 0.49 -8.45
C ALA A 95 5.52 -0.69 -8.52
N LYS A 96 4.21 -0.41 -8.48
N LYS A 96 4.21 -0.45 -8.60
CA LYS A 96 3.16 -1.41 -8.49
CA LYS A 96 3.31 -1.59 -8.73
C LYS A 96 3.04 -2.09 -9.84
C LYS A 96 3.70 -2.51 -9.89
N SER A 97 3.53 -1.45 -10.90
N SER A 97 4.39 -1.98 -10.89
CA SER A 97 3.66 -2.06 -12.21
CA SER A 97 4.75 -2.71 -12.09
C SER A 97 4.77 -3.11 -12.24
C SER A 97 6.10 -3.40 -12.01
N ILE A 98 5.47 -3.34 -11.13
N ILE A 98 6.89 -3.10 -10.98
CA ILE A 98 6.48 -4.38 -11.03
CA ILE A 98 8.15 -3.83 -10.80
C ILE A 98 5.86 -5.54 -10.25
C ILE A 98 7.81 -5.25 -10.40
N PRO A 99 5.69 -6.72 -10.86
N PRO A 99 8.31 -6.27 -11.11
CA PRO A 99 4.97 -7.80 -10.16
CA PRO A 99 7.95 -7.65 -10.75
C PRO A 99 5.54 -8.11 -8.79
C PRO A 99 8.18 -7.92 -9.27
N SER A 100 6.86 -8.33 -8.70
N SER A 100 7.14 -8.40 -8.62
CA SER A 100 7.45 -8.72 -7.42
CA SER A 100 7.16 -8.84 -7.22
C SER A 100 7.11 -7.72 -6.32
C SER A 100 7.21 -7.68 -6.21
N PHE A 101 7.12 -6.43 -6.66
CA PHE A 101 6.84 -5.37 -5.68
C PHE A 101 5.42 -5.50 -5.16
N SER A 102 4.45 -5.68 -6.07
CA SER A 102 3.06 -5.81 -5.64
C SER A 102 2.80 -7.08 -4.85
N SER A 103 3.70 -8.06 -4.88
N SER A 103 3.70 -8.07 -4.90
CA SER A 103 3.55 -9.27 -4.09
CA SER A 103 3.61 -9.28 -4.11
C SER A 103 4.08 -9.11 -2.67
C SER A 103 4.04 -9.08 -2.66
N LEU A 104 4.77 -8.02 -2.37
CA LEU A 104 5.10 -7.69 -0.98
C LEU A 104 3.82 -7.30 -0.26
N PHE A 105 3.79 -7.51 1.05
CA PHE A 105 2.66 -7.00 1.80
C PHE A 105 2.66 -5.47 1.73
N LEU A 106 1.47 -4.88 1.85
CA LEU A 106 1.32 -3.46 1.59
C LEU A 106 2.17 -2.62 2.54
N ASN A 107 2.41 -3.09 3.77
CA ASN A 107 3.27 -2.34 4.70
C ASN A 107 4.71 -2.26 4.21
N ASP A 108 5.27 -3.33 3.63
CA ASP A 108 6.61 -3.20 3.06
C ASP A 108 6.61 -2.31 1.82
N GLN A 109 5.55 -2.34 1.01
CA GLN A 109 5.49 -1.39 -0.09
C GLN A 109 5.58 0.04 0.40
N VAL A 110 4.82 0.36 1.44
CA VAL A 110 4.84 1.71 1.98
C VAL A 110 6.21 2.06 2.55
N THR A 111 6.85 1.14 3.26
CA THR A 111 8.19 1.41 3.77
C THR A 111 9.17 1.73 2.65
N LEU A 112 9.13 0.97 1.56
CA LEU A 112 10.05 1.22 0.45
C LEU A 112 9.80 2.57 -0.20
N LEU A 113 8.54 2.90 -0.40
CA LEU A 113 8.24 4.21 -0.99
C LEU A 113 8.60 5.34 -0.02
N LYS A 114 8.25 5.19 1.26
CA LYS A 114 8.58 6.21 2.25
C LYS A 114 10.05 6.60 2.17
N TYR A 115 10.94 5.62 2.17
CA TYR A 115 12.35 5.91 2.26
C TYR A 115 13.03 6.04 0.91
N GLY A 116 12.34 5.74 -0.19
CA GLY A 116 12.91 5.76 -1.52
C GLY A 116 12.43 6.87 -2.44
N VAL A 117 11.22 7.45 -2.22
CA VAL A 117 10.67 8.32 -3.26
C VAL A 117 11.54 9.57 -3.47
N HIS A 118 12.03 10.19 -2.39
N HIS A 118 12.07 10.18 -2.41
CA HIS A 118 12.90 11.35 -2.55
CA HIS A 118 12.87 11.39 -2.67
C HIS A 118 14.13 11.01 -3.38
C HIS A 118 14.21 11.06 -3.34
N GLU A 119 14.80 9.90 -3.07
CA GLU A 119 15.99 9.51 -3.84
C GLU A 119 15.63 9.37 -5.32
N ALA A 120 14.51 8.75 -5.61
CA ALA A 120 14.08 8.59 -7.00
C ALA A 120 13.78 9.96 -7.61
N ILE A 121 13.03 10.78 -6.90
CA ILE A 121 12.70 12.13 -7.39
C ILE A 121 13.96 12.90 -7.77
N PHE A 122 14.97 12.91 -6.88
CA PHE A 122 16.16 13.72 -7.15
C PHE A 122 17.03 13.13 -8.25
N ALA A 123 16.97 11.81 -8.49
CA ALA A 123 17.58 11.24 -9.68
C ALA A 123 16.83 11.62 -10.95
N MET A 124 15.49 11.58 -10.93
CA MET A 124 14.71 11.92 -12.13
C MET A 124 14.79 13.40 -12.46
N LEU A 125 15.03 14.24 -11.44
CA LEU A 125 15.12 15.68 -11.64
C LEU A 125 16.14 16.06 -12.72
N ALA A 126 17.27 15.34 -12.77
CA ALA A 126 18.29 15.69 -13.74
C ALA A 126 17.73 15.67 -15.16
N SER A 127 16.73 14.83 -15.41
CA SER A 127 16.16 14.72 -16.74
C SER A 127 15.61 16.06 -17.26
N ILE A 128 15.14 16.93 -16.37
CA ILE A 128 14.50 18.20 -16.77
C ILE A 128 15.37 19.40 -16.45
N VAL A 129 16.62 19.18 -16.09
CA VAL A 129 17.54 20.20 -15.63
C VAL A 129 18.63 20.43 -16.67
N ASN A 130 19.09 21.68 -16.79
CA ASN A 130 20.44 21.92 -17.28
C ASN A 130 21.10 22.91 -16.31
N LYS A 131 22.33 23.34 -16.63
CA LYS A 131 23.07 24.13 -15.66
C LYS A 131 22.42 25.49 -15.41
N ASP A 132 21.50 25.90 -16.28
CA ASP A 132 20.86 27.19 -16.16
C ASP A 132 19.46 27.17 -15.55
N GLY A 133 18.84 26.03 -15.34
CA GLY A 133 17.48 26.01 -14.85
C GLY A 133 16.80 24.69 -15.11
N LEU A 134 15.48 24.68 -14.95
CA LEU A 134 14.73 23.45 -15.15
C LEU A 134 13.35 23.72 -15.72
N LEU A 135 12.81 22.71 -16.37
CA LEU A 135 11.47 22.76 -16.94
C LEU A 135 10.41 22.64 -15.86
N VAL A 136 9.34 23.40 -16.02
CA VAL A 136 8.16 23.32 -15.17
C VAL A 136 6.92 23.32 -16.06
N ALA A 137 5.77 23.06 -15.45
CA ALA A 137 4.48 23.17 -16.16
C ALA A 137 4.49 22.26 -17.40
N ASN A 138 4.87 21.00 -17.19
CA ASN A 138 4.89 19.99 -18.25
C ASN A 138 5.69 20.47 -19.46
N GLY A 139 6.80 21.15 -19.20
CA GLY A 139 7.67 21.62 -20.26
C GLY A 139 7.37 22.95 -20.88
N SER A 140 6.28 23.61 -20.46
N SER A 140 6.28 23.61 -20.47
CA SER A 140 5.89 24.89 -21.03
CA SER A 140 5.91 24.89 -21.05
C SER A 140 6.62 26.07 -20.40
C SER A 140 6.60 26.07 -20.38
N GLY A 141 7.22 25.87 -19.22
CA GLY A 141 7.99 26.91 -18.57
C GLY A 141 9.40 26.42 -18.28
N PHE A 142 10.29 27.39 -18.07
CA PHE A 142 11.67 27.13 -17.70
C PHE A 142 12.02 28.13 -16.59
N VAL A 143 12.29 27.63 -15.39
CA VAL A 143 12.67 28.48 -14.27
C VAL A 143 14.18 28.52 -14.16
N THR A 144 14.75 29.71 -14.06
CA THR A 144 16.20 29.83 -14.05
C THR A 144 16.79 29.51 -12.67
N ARG A 145 17.95 28.88 -12.71
CA ARG A 145 18.67 28.56 -11.50
C ARG A 145 19.05 29.81 -10.72
N GLU A 146 19.36 30.90 -11.43
N GLU A 146 19.40 30.89 -11.44
CA GLU A 146 19.72 32.15 -10.74
CA GLU A 146 19.71 32.17 -10.80
C GLU A 146 18.52 32.78 -10.04
C GLU A 146 18.52 32.66 -9.99
N PHE A 147 17.33 32.61 -10.58
CA PHE A 147 16.13 33.03 -9.85
C PHE A 147 15.92 32.19 -8.60
N LEU A 148 16.10 30.85 -8.69
CA LEU A 148 15.94 30.03 -7.50
C LEU A 148 17.00 30.35 -6.47
N ARG A 149 18.22 30.70 -6.89
CA ARG A 149 19.24 31.13 -5.94
C ARG A 149 18.88 32.42 -5.25
N SER A 150 18.00 33.23 -5.86
CA SER A 150 17.67 34.54 -5.32
C SER A 150 16.62 34.48 -4.23
N LEU A 151 15.99 33.33 -4.02
CA LEU A 151 14.97 33.23 -3.00
C LEU A 151 15.62 33.39 -1.62
N ARG A 152 14.81 33.80 -0.65
CA ARG A 152 15.39 34.01 0.65
C ARG A 152 15.74 32.67 1.31
N LYS A 153 16.67 32.73 2.23
CA LYS A 153 16.94 31.57 3.05
C LYS A 153 15.67 31.32 3.87
N PRO A 154 15.35 30.05 4.12
CA PRO A 154 16.07 28.81 3.80
C PRO A 154 15.75 28.12 2.47
N PHE A 155 14.90 28.76 1.67
CA PHE A 155 14.37 28.10 0.49
C PHE A 155 15.42 27.97 -0.62
N SER A 156 16.24 28.99 -0.82
CA SER A 156 17.33 28.90 -1.78
C SER A 156 18.27 27.75 -1.44
N ASP A 157 18.50 27.54 -0.16
CA ASP A 157 19.44 26.54 0.30
C ASP A 157 18.93 25.12 0.12
N ILE A 158 17.62 24.91 0.06
N ILE A 158 17.61 24.92 0.08
CA ILE A 158 17.12 23.56 -0.19
CA ILE A 158 17.03 23.61 -0.23
C ILE A 158 17.07 23.23 -1.68
C ILE A 158 17.35 23.23 -1.66
N ILE A 159 17.29 24.21 -2.56
CA ILE A 159 17.20 23.97 -3.99
C ILE A 159 18.56 23.70 -4.61
N GLU A 160 19.56 24.52 -4.30
CA GLU A 160 20.82 24.45 -5.06
C GLU A 160 21.52 23.10 -5.00
N PRO A 161 21.58 22.38 -3.86
CA PRO A 161 22.28 21.08 -3.86
C PRO A 161 21.73 20.10 -4.86
N LYS A 162 20.44 20.18 -5.15
CA LYS A 162 19.84 19.26 -6.14
C LYS A 162 20.36 19.56 -7.54
N PHE A 163 20.53 20.84 -7.89
CA PHE A 163 21.17 21.18 -9.16
C PHE A 163 22.59 20.66 -9.22
N GLU A 164 23.37 20.82 -8.13
CA GLU A 164 24.74 20.33 -8.15
C GLU A 164 24.76 18.84 -8.46
N PHE A 165 23.88 18.08 -7.80
CA PHE A 165 23.85 16.64 -8.04
C PHE A 165 23.43 16.37 -9.48
N ALA A 166 22.40 17.06 -9.95
CA ALA A 166 21.82 16.77 -11.25
C ALA A 166 22.78 17.03 -12.40
N VAL A 167 23.53 18.12 -12.35
CA VAL A 167 24.45 18.40 -13.45
C VAL A 167 25.50 17.31 -13.55
N LYS A 168 26.02 16.88 -12.41
CA LYS A 168 26.96 15.77 -12.40
C LYS A 168 26.34 14.49 -12.91
N PHE A 169 25.11 14.20 -12.48
CA PHE A 169 24.44 12.99 -12.91
C PHE A 169 24.23 12.98 -14.42
N ASN A 170 23.90 14.15 -15.00
CA ASN A 170 23.68 14.22 -16.44
C ASN A 170 24.95 13.96 -17.24
N ALA A 171 26.14 14.15 -16.63
CA ALA A 171 27.37 13.82 -17.32
C ALA A 171 27.50 12.33 -17.64
N LEU A 172 26.73 11.46 -16.96
CA LEU A 172 26.72 10.02 -17.27
C LEU A 172 25.93 9.68 -18.52
N GLU A 173 25.09 10.62 -18.99
N GLU A 173 25.09 10.62 -18.99
CA GLU A 173 24.40 10.49 -20.28
CA GLU A 173 24.40 10.49 -20.27
C GLU A 173 23.48 9.28 -20.32
C GLU A 173 23.49 9.27 -20.31
N LEU A 174 22.76 9.04 -19.22
CA LEU A 174 21.77 7.98 -19.18
C LEU A 174 20.60 8.35 -20.08
N ASP A 175 19.94 7.33 -20.63
CA ASP A 175 18.66 7.58 -21.28
C ASP A 175 17.52 7.01 -20.43
N ASP A 176 16.29 7.20 -20.90
CA ASP A 176 15.13 6.76 -20.14
C ASP A 176 15.13 5.25 -19.85
N SER A 177 15.59 4.43 -20.80
CA SER A 177 15.62 2.98 -20.54
C SER A 177 16.58 2.63 -19.41
N ASP A 178 17.68 3.37 -19.27
CA ASP A 178 18.59 3.18 -18.14
C ASP A 178 17.96 3.67 -16.85
N LEU A 179 17.34 4.84 -16.91
CA LEU A 179 16.76 5.45 -15.72
C LEU A 179 15.66 4.58 -15.13
N ALA A 180 14.90 3.90 -15.98
CA ALA A 180 13.81 3.07 -15.49
C ALA A 180 14.34 2.00 -14.54
N LEU A 181 15.47 1.40 -14.89
CA LEU A 181 16.06 0.38 -14.05
C LEU A 181 16.71 1.00 -12.82
N PHE A 182 17.34 2.14 -13.00
CA PHE A 182 17.99 2.81 -11.88
C PHE A 182 16.97 3.20 -10.81
N ILE A 183 15.84 3.80 -11.23
N ILE A 183 15.82 3.76 -11.20
CA ILE A 183 14.79 4.17 -10.28
CA ILE A 183 14.84 4.16 -10.17
C ILE A 183 14.24 2.93 -9.58
C ILE A 183 14.14 2.94 -9.59
N ALA A 184 13.99 1.86 -10.36
CA ALA A 184 13.48 0.61 -9.76
C ALA A 184 14.43 0.14 -8.67
N ALA A 185 15.75 0.22 -8.92
CA ALA A 185 16.75 -0.22 -7.96
C ALA A 185 16.74 0.63 -6.69
N ILE A 186 16.47 1.93 -6.83
CA ILE A 186 16.38 2.81 -5.67
C ILE A 186 15.18 2.40 -4.80
N ILE A 187 14.04 2.14 -5.41
N ILE A 187 14.06 2.08 -5.43
CA ILE A 187 12.87 1.83 -4.60
CA ILE A 187 12.81 1.80 -4.72
C ILE A 187 13.07 0.48 -3.93
C ILE A 187 12.86 0.44 -4.04
N LEU A 188 13.50 -0.52 -4.69
CA LEU A 188 13.62 -1.88 -4.15
C LEU A 188 14.93 -2.03 -3.40
N CYS A 189 14.97 -1.44 -2.22
CA CYS A 189 16.19 -1.32 -1.44
C CYS A 189 16.03 -2.03 -0.12
N GLY A 190 16.83 -3.08 0.10
CA GLY A 190 16.65 -3.90 1.29
C GLY A 190 17.10 -3.27 2.58
N ASP A 191 17.74 -2.12 2.52
N ASP A 191 17.73 -2.11 2.53
CA ASP A 191 18.33 -1.43 3.67
CA ASP A 191 18.32 -1.45 3.69
C ASP A 191 17.36 -0.52 4.41
C ASP A 191 17.36 -0.52 4.41
N ARG A 192 16.11 -0.40 3.98
CA ARG A 192 15.23 0.61 4.56
C ARG A 192 14.81 0.22 5.98
N PRO A 193 14.74 1.19 6.90
CA PRO A 193 14.37 0.87 8.28
C PRO A 193 12.98 0.25 8.37
N GLY A 194 12.85 -0.78 9.20
CA GLY A 194 11.56 -1.33 9.51
C GLY A 194 10.98 -2.25 8.46
N LEU A 195 11.76 -2.61 7.44
N LEU A 195 11.78 -2.67 7.50
CA LEU A 195 11.28 -3.60 6.48
CA LEU A 195 11.30 -3.57 6.46
C LEU A 195 10.94 -4.89 7.19
C LEU A 195 11.06 -4.97 7.02
N MET A 196 9.92 -5.55 6.69
CA MET A 196 9.54 -6.84 7.26
C MET A 196 10.21 -8.00 6.53
N ASN A 197 10.13 -8.04 5.21
CA ASN A 197 10.66 -9.17 4.46
C ASN A 197 11.94 -8.71 3.75
N VAL A 198 13.02 -8.56 4.53
CA VAL A 198 14.28 -8.06 3.97
C VAL A 198 14.83 -9.02 2.92
N PRO A 199 14.86 -10.34 3.12
CA PRO A 199 15.44 -11.20 2.08
C PRO A 199 14.72 -11.10 0.75
N ARG A 200 13.39 -10.97 0.76
CA ARG A 200 12.65 -10.88 -0.48
C ARG A 200 12.98 -9.59 -1.22
N VAL A 201 13.02 -8.47 -0.50
CA VAL A 201 13.37 -7.20 -1.12
C VAL A 201 14.80 -7.24 -1.65
N GLU A 202 15.74 -7.80 -0.87
CA GLU A 202 17.12 -7.91 -1.34
C GLU A 202 17.22 -8.72 -2.62
N ALA A 203 16.42 -9.79 -2.72
CA ALA A 203 16.42 -10.63 -3.92
C ALA A 203 15.91 -9.88 -5.13
N ILE A 204 14.80 -9.13 -4.97
CA ILE A 204 14.29 -8.35 -6.08
C ILE A 204 15.32 -7.30 -6.49
N GLN A 205 15.87 -6.59 -5.52
CA GLN A 205 16.88 -5.59 -5.80
C GLN A 205 18.02 -6.20 -6.61
N ASP A 206 18.46 -7.38 -6.21
CA ASP A 206 19.59 -8.00 -6.90
C ASP A 206 19.25 -8.29 -8.36
N THR A 207 18.05 -8.78 -8.64
CA THR A 207 17.62 -8.99 -10.02
C THR A 207 17.61 -7.68 -10.81
N ILE A 208 17.10 -6.59 -10.20
CA ILE A 208 17.11 -5.30 -10.90
C ILE A 208 18.53 -4.87 -11.20
N LEU A 209 19.45 -5.01 -10.22
CA LEU A 209 20.84 -4.62 -10.45
C LEU A 209 21.50 -5.46 -11.55
N ARG A 210 21.24 -6.78 -11.58
N ARG A 210 21.26 -6.78 -11.54
CA ARG A 210 21.75 -7.60 -12.68
CA ARG A 210 21.70 -7.64 -12.64
C ARG A 210 21.16 -7.16 -14.00
C ARG A 210 21.17 -7.11 -13.97
N ALA A 211 19.88 -6.80 -14.02
CA ALA A 211 19.29 -6.30 -15.26
C ALA A 211 19.92 -4.97 -15.65
N LEU A 212 20.19 -4.11 -14.68
CA LEU A 212 20.84 -2.83 -14.99
C LEU A 212 22.21 -3.06 -15.62
N GLU A 213 23.03 -3.95 -15.04
CA GLU A 213 24.33 -4.13 -15.66
C GLU A 213 24.19 -4.68 -17.06
N PHE A 214 23.33 -5.69 -17.24
N PHE A 214 23.33 -5.69 -17.24
CA PHE A 214 23.10 -6.28 -18.56
CA PHE A 214 23.12 -6.29 -18.55
C PHE A 214 22.66 -5.22 -19.56
C PHE A 214 22.65 -5.23 -19.56
N HIS A 215 21.71 -4.40 -19.15
CA HIS A 215 21.18 -3.37 -20.04
C HIS A 215 22.25 -2.36 -20.44
N LEU A 216 23.03 -1.89 -19.47
CA LEU A 216 24.09 -0.92 -19.76
C LEU A 216 25.15 -1.50 -20.69
N GLN A 217 25.48 -2.77 -20.54
N GLN A 217 25.45 -2.78 -20.55
CA GLN A 217 26.41 -3.40 -21.46
CA GLN A 217 26.41 -3.43 -21.45
C GLN A 217 25.92 -3.25 -22.90
C GLN A 217 25.93 -3.31 -22.89
N ALA A 218 24.63 -3.48 -23.12
CA ALA A 218 24.08 -3.41 -24.46
C ALA A 218 23.91 -1.98 -24.93
N ASN A 219 23.46 -1.10 -24.03
CA ASN A 219 23.08 0.25 -24.40
C ASN A 219 24.24 1.24 -24.37
N HIS A 220 25.27 0.97 -23.59
CA HIS A 220 26.44 1.86 -23.46
C HIS A 220 27.70 1.03 -23.59
N PRO A 221 27.92 0.43 -24.75
CA PRO A 221 29.05 -0.50 -24.92
C PRO A 221 30.42 0.12 -24.71
N ASP A 222 30.56 1.43 -24.92
CA ASP A 222 31.84 2.09 -24.81
C ASP A 222 32.07 2.74 -23.45
N ALA A 223 31.09 2.72 -22.55
CA ALA A 223 31.20 3.49 -21.31
C ALA A 223 32.13 2.80 -20.34
N GLN A 224 32.99 3.60 -19.70
CA GLN A 224 33.94 3.08 -18.73
C GLN A 224 33.28 3.16 -17.36
N TYR A 225 33.14 2.01 -16.72
CA TYR A 225 32.81 1.94 -15.32
C TYR A 225 31.43 2.51 -15.02
N LEU A 226 30.51 2.51 -15.99
CA LEU A 226 29.20 3.14 -15.76
C LEU A 226 28.41 2.43 -14.67
N PHE A 227 28.45 1.09 -14.64
CA PHE A 227 27.66 0.41 -13.62
C PHE A 227 28.17 0.73 -12.22
N PRO A 228 29.43 0.57 -11.89
CA PRO A 228 29.89 1.00 -10.56
C PRO A 228 29.72 2.50 -10.32
N LYS A 229 29.81 3.34 -11.36
CA LYS A 229 29.51 4.76 -11.15
C LYS A 229 28.08 4.96 -10.66
N LEU A 230 27.13 4.17 -11.19
CA LEU A 230 25.74 4.35 -10.78
C LEU A 230 25.48 3.79 -9.38
N LEU A 231 26.18 2.71 -9.00
CA LEU A 231 26.07 2.24 -7.62
C LEU A 231 26.50 3.33 -6.65
N GLN A 232 27.55 4.05 -7.01
CA GLN A 232 27.99 5.16 -6.15
C GLN A 232 26.97 6.29 -6.15
N LYS A 233 26.30 6.56 -7.28
CA LYS A 233 25.25 7.58 -7.29
C LYS A 233 24.10 7.21 -6.34
N MET A 234 23.81 5.92 -6.21
N MET A 234 23.76 5.93 -6.25
CA MET A 234 22.77 5.47 -5.31
CA MET A 234 22.76 5.51 -5.28
C MET A 234 23.13 5.77 -3.85
C MET A 234 23.17 5.91 -3.88
N ALA A 235 24.42 5.62 -3.50
CA ALA A 235 24.91 6.04 -2.19
C ALA A 235 24.86 7.56 -2.03
N ASP A 236 25.24 8.28 -3.10
CA ASP A 236 25.23 9.73 -3.03
C ASP A 236 23.81 10.28 -2.79
N LEU A 237 22.80 9.67 -3.42
CA LEU A 237 21.42 10.11 -3.25
C LEU A 237 20.94 9.91 -1.82
N ARG A 238 21.39 8.84 -1.16
N ARG A 238 21.39 8.85 -1.15
CA ARG A 238 21.03 8.67 0.24
CA ARG A 238 20.99 8.69 0.24
C ARG A 238 21.46 9.88 1.06
C ARG A 238 21.47 9.86 1.08
N GLN A 239 22.69 10.34 0.82
CA GLN A 239 23.21 11.47 1.56
C GLN A 239 22.45 12.75 1.20
N LEU A 240 22.15 12.93 -0.10
CA LEU A 240 21.38 14.10 -0.52
C LEU A 240 20.03 14.16 0.20
N VAL A 241 19.35 13.04 0.30
CA VAL A 241 18.04 13.00 0.94
C VAL A 241 18.16 13.18 2.45
N THR A 242 19.19 12.60 3.08
CA THR A 242 19.41 12.85 4.50
C THR A 242 19.48 14.34 4.77
N GLU A 243 20.28 15.04 3.98
CA GLU A 243 20.44 16.47 4.16
C GLU A 243 19.15 17.19 3.86
N HIS A 244 18.44 16.74 2.84
CA HIS A 244 17.16 17.36 2.49
C HIS A 244 16.18 17.25 3.65
N ALA A 245 16.04 16.06 4.23
CA ALA A 245 15.11 15.87 5.32
C ALA A 245 15.50 16.73 6.50
N GLN A 246 16.80 16.89 6.74
CA GLN A 246 17.23 17.73 7.85
C GLN A 246 16.82 19.17 7.61
N MET A 247 16.99 19.66 6.38
CA MET A 247 16.55 21.00 6.04
C MET A 247 15.03 21.15 6.19
N MET A 248 14.25 20.16 5.75
CA MET A 248 12.80 20.28 5.86
C MET A 248 12.35 20.32 7.32
N GLN A 249 12.99 19.52 8.18
N GLN A 249 13.00 19.52 8.18
CA GLN A 249 12.62 19.57 9.58
CA GLN A 249 12.64 19.56 9.59
C GLN A 249 12.95 20.93 10.18
C GLN A 249 12.97 20.91 10.19
N ARG A 250 14.03 21.56 9.72
CA ARG A 250 14.32 22.91 10.17
C ARG A 250 13.29 23.91 9.67
N ILE A 251 12.87 23.80 8.40
CA ILE A 251 11.79 24.67 7.89
C ILE A 251 10.56 24.56 8.79
N LYS A 252 10.24 23.35 9.22
CA LYS A 252 9.09 23.12 10.08
C LYS A 252 9.22 23.91 11.38
N LYS A 253 10.43 24.03 11.91
N LYS A 253 10.43 24.00 11.92
CA LYS A 253 10.60 24.70 13.19
CA LYS A 253 10.63 24.69 13.19
C LYS A 253 10.72 26.22 13.06
C LYS A 253 10.69 26.22 13.04
N THR A 254 11.34 26.71 11.99
CA THR A 254 11.62 28.14 11.87
C THR A 254 10.70 28.88 10.90
N GLU A 255 9.93 28.17 10.08
CA GLU A 255 9.02 28.82 9.13
C GLU A 255 7.62 28.32 9.43
N THR A 256 7.09 28.68 10.60
CA THR A 256 5.87 28.06 11.10
C THR A 256 4.63 28.40 10.27
N GLU A 257 4.65 29.50 9.52
N GLU A 257 4.65 29.52 9.53
CA GLU A 257 3.51 29.85 8.68
CA GLU A 257 3.56 29.91 8.65
C GLU A 257 3.61 29.31 7.27
C GLU A 257 3.49 29.10 7.37
N THR A 258 4.56 28.43 6.98
CA THR A 258 4.63 27.76 5.70
C THR A 258 3.99 26.39 5.84
N SER A 259 3.02 26.13 4.97
N SER A 259 3.04 26.08 4.94
CA SER A 259 2.32 24.85 4.96
CA SER A 259 2.26 24.85 5.04
C SER A 259 3.24 23.74 4.47
C SER A 259 2.99 23.68 4.37
N LEU A 260 3.14 22.58 5.10
CA LEU A 260 3.83 21.37 4.66
C LEU A 260 2.78 20.29 4.42
N HIS A 261 2.75 19.78 3.19
CA HIS A 261 1.78 18.77 2.79
C HIS A 261 1.83 17.58 3.76
N PRO A 262 0.68 17.11 4.24
CA PRO A 262 0.70 16.03 5.25
C PRO A 262 1.38 14.75 4.79
N LEU A 263 1.33 14.45 3.50
CA LEU A 263 2.01 13.26 3.01
C LEU A 263 3.51 13.39 3.19
N LEU A 264 4.06 14.58 2.87
CA LEU A 264 5.49 14.77 3.09
C LEU A 264 5.83 14.73 4.58
N GLN A 265 4.94 15.29 5.42
N GLN A 265 4.95 15.25 5.44
CA GLN A 265 5.10 15.19 6.87
CA GLN A 265 5.25 15.14 6.87
C GLN A 265 5.26 13.73 7.30
C GLN A 265 5.28 13.70 7.33
N GLU A 266 4.41 12.86 6.78
CA GLU A 266 4.48 11.44 7.12
C GLU A 266 5.78 10.81 6.68
N ILE A 267 6.40 11.26 5.58
N ILE A 267 6.24 11.21 5.48
CA ILE A 267 7.71 10.70 5.26
CA ILE A 267 7.46 10.73 4.87
C ILE A 267 8.75 11.17 6.27
C ILE A 267 8.65 11.08 5.75
N TYR A 268 8.90 12.49 6.43
N TYR A 268 8.66 12.29 6.33
CA TYR A 268 9.95 12.99 7.32
CA TYR A 268 9.82 12.77 7.07
C TYR A 268 9.79 12.50 8.72
C TYR A 268 9.76 12.47 8.57
N LYS A 269 8.59 12.10 9.09
CA LYS A 269 8.43 11.54 10.44
C LYS A 269 9.42 10.40 10.66
N ASP A 270 10.18 10.48 11.74
N ASP A 270 10.15 10.49 11.76
CA ASP A 270 11.10 9.42 12.15
CA ASP A 270 11.14 9.50 12.21
C ASP A 270 12.35 9.33 11.27
C ASP A 270 12.30 9.30 11.22
N MET A 271 12.57 10.28 10.37
CA MET A 271 13.86 10.38 9.68
C MET A 271 14.82 11.22 10.55
N TYR A 272 16.11 10.93 10.44
CA TYR A 272 17.10 11.68 11.20
C TYR A 272 18.46 11.67 10.52
N PRO B 1 -32.05 9.19 -8.61
CA PRO B 1 -30.64 9.24 -9.01
C PRO B 1 -29.72 8.56 -7.98
N GLN B 2 -29.86 8.93 -6.71
CA GLN B 2 -29.03 8.31 -5.66
C GLN B 2 -29.14 6.80 -5.67
N VAL B 3 -30.37 6.30 -5.72
CA VAL B 3 -30.57 4.85 -5.61
C VAL B 3 -29.90 4.12 -6.77
N ALA B 4 -30.07 4.65 -7.98
CA ALA B 4 -29.46 4.00 -9.15
C ALA B 4 -27.94 4.10 -9.11
N ASP B 5 -27.37 5.26 -8.78
CA ASP B 5 -25.91 5.35 -8.68
C ASP B 5 -25.37 4.39 -7.63
N LEU B 6 -26.06 4.28 -6.49
CA LEU B 6 -25.57 3.42 -5.44
C LEU B 6 -25.75 1.95 -5.78
N LYS B 7 -26.77 1.63 -6.56
CA LYS B 7 -26.93 0.26 -7.01
C LYS B 7 -25.75 -0.17 -7.89
N ALA B 8 -25.31 0.73 -8.77
CA ALA B 8 -24.17 0.42 -9.62
C ALA B 8 -22.91 0.26 -8.78
N PHE B 9 -22.70 1.17 -7.82
CA PHE B 9 -21.59 1.12 -6.88
C PHE B 9 -21.57 -0.22 -6.14
N SER B 10 -22.73 -0.66 -5.67
CA SER B 10 -22.79 -1.91 -4.93
C SER B 10 -22.41 -3.09 -5.80
N LYS B 11 -22.83 -3.08 -7.08
CA LYS B 11 -22.46 -4.16 -7.99
C LYS B 11 -20.94 -4.20 -8.20
N HIS B 12 -20.28 -3.05 -8.35
CA HIS B 12 -18.81 -3.06 -8.47
C HIS B 12 -18.15 -3.64 -7.23
N ILE B 13 -18.69 -3.36 -6.03
CA ILE B 13 -18.11 -3.91 -4.81
C ILE B 13 -18.34 -5.42 -4.74
N TYR B 14 -19.53 -5.87 -5.18
CA TYR B 14 -19.80 -7.30 -5.21
C TYR B 14 -18.87 -7.99 -6.20
N ASN B 15 -18.60 -7.37 -7.34
CA ASN B 15 -17.67 -7.96 -8.31
C ASN B 15 -16.26 -8.10 -7.73
N ALA B 16 -15.83 -7.11 -6.94
CA ALA B 16 -14.52 -7.20 -6.28
C ALA B 16 -14.48 -8.36 -5.28
N TYR B 17 -15.58 -8.57 -4.57
CA TYR B 17 -15.70 -9.67 -3.63
C TYR B 17 -15.60 -11.01 -4.36
N LEU B 18 -16.35 -11.16 -5.46
CA LEU B 18 -16.34 -12.42 -6.16
C LEU B 18 -15.01 -12.71 -6.86
N LYS B 19 -14.28 -11.66 -7.25
CA LYS B 19 -12.97 -11.83 -7.89
C LYS B 19 -11.91 -12.29 -6.90
N ASN B 20 -12.03 -11.90 -5.64
CA ASN B 20 -10.90 -11.98 -4.73
C ASN B 20 -11.01 -12.97 -3.58
N PHE B 21 -12.20 -13.35 -3.14
CA PHE B 21 -12.27 -14.21 -1.98
C PHE B 21 -12.31 -15.69 -2.34
N ASN B 22 -11.63 -16.46 -1.51
CA ASN B 22 -11.42 -17.89 -1.74
C ASN B 22 -12.73 -18.64 -1.77
N MET B 23 -13.61 -18.38 -0.81
CA MET B 23 -14.87 -19.10 -0.78
C MET B 23 -16.00 -18.15 -0.49
N THR B 24 -17.10 -18.35 -1.19
CA THR B 24 -18.31 -17.58 -0.94
C THR B 24 -19.11 -18.20 0.21
N LYS B 25 -19.94 -17.40 0.84
CA LYS B 25 -20.91 -17.96 1.78
C LYS B 25 -21.85 -18.93 1.09
N LYS B 26 -22.28 -18.63 -0.15
CA LYS B 26 -23.14 -19.57 -0.87
C LYS B 26 -22.49 -20.96 -0.98
N LYS B 27 -21.21 -20.99 -1.36
N LYS B 27 -21.22 -21.02 -1.36
CA LYS B 27 -20.48 -22.24 -1.45
CA LYS B 27 -20.62 -22.35 -1.44
C LYS B 27 -20.37 -22.90 -0.08
C LYS B 27 -20.40 -22.94 -0.05
N ALA B 28 -19.97 -22.13 0.92
CA ALA B 28 -19.76 -22.68 2.26
C ALA B 28 -21.05 -23.29 2.82
N ARG B 29 -22.20 -22.61 2.66
CA ARG B 29 -23.42 -23.15 3.25
C ARG B 29 -23.86 -24.41 2.55
N SER B 30 -23.60 -24.52 1.24
CA SER B 30 -23.96 -25.74 0.52
C SER B 30 -23.12 -26.91 1.03
N ILE B 31 -21.83 -26.69 1.32
CA ILE B 31 -21.02 -27.74 1.93
C ILE B 31 -21.54 -28.09 3.32
N LEU B 32 -21.74 -27.06 4.15
CA LEU B 32 -22.13 -27.30 5.54
C LEU B 32 -23.49 -27.97 5.67
N THR B 33 -24.41 -27.73 4.73
CA THR B 33 -25.73 -28.35 4.84
C THR B 33 -25.83 -29.67 4.11
N GLY B 34 -24.76 -30.12 3.45
CA GLY B 34 -24.82 -31.32 2.64
C GLY B 34 -25.45 -31.17 1.27
N LYS B 35 -25.88 -29.96 0.89
CA LYS B 35 -26.62 -29.76 -0.34
C LYS B 35 -25.76 -29.90 -1.60
N ALA B 36 -24.45 -30.05 -1.47
CA ALA B 36 -23.57 -29.86 -2.62
C ALA B 36 -23.17 -31.14 -3.33
N SER B 37 -22.59 -32.13 -2.62
CA SER B 37 -21.48 -32.88 -3.19
C SER B 37 -21.55 -34.39 -3.11
N HIS B 38 -20.89 -34.99 -4.10
CA HIS B 38 -20.42 -36.38 -4.09
CA HIS B 38 -20.40 -36.37 -4.10
C HIS B 38 -19.36 -36.61 -3.01
N THR B 39 -19.00 -35.57 -2.26
CA THR B 39 -18.02 -35.61 -1.19
C THR B 39 -18.56 -34.84 0.01
N ALA B 40 -18.13 -35.24 1.19
CA ALA B 40 -18.43 -34.52 2.41
C ALA B 40 -17.11 -34.20 3.09
N PRO B 41 -17.07 -33.14 3.89
CA PRO B 41 -15.82 -32.76 4.54
C PRO B 41 -15.40 -33.84 5.51
N PHE B 42 -14.10 -34.04 5.60
CA PHE B 42 -13.52 -34.92 6.62
C PHE B 42 -13.59 -34.24 7.98
N VAL B 43 -14.17 -34.92 8.96
CA VAL B 43 -14.37 -34.32 10.28
C VAL B 43 -13.15 -34.53 11.16
N ILE B 44 -12.58 -33.41 11.59
CA ILE B 44 -11.48 -33.36 12.55
C ILE B 44 -12.09 -33.10 13.92
N HIS B 45 -12.03 -34.09 14.80
CA HIS B 45 -12.64 -33.95 16.11
C HIS B 45 -11.76 -34.45 17.25
N ASP B 46 -10.53 -34.88 16.97
CA ASP B 46 -9.63 -35.43 17.98
C ASP B 46 -8.22 -35.53 17.38
N ILE B 47 -7.27 -36.02 18.18
N ILE B 47 -7.27 -36.00 18.20
CA ILE B 47 -5.88 -36.04 17.74
CA ILE B 47 -5.88 -36.06 17.74
C ILE B 47 -5.72 -36.96 16.52
C ILE B 47 -5.77 -36.93 16.50
N GLU B 48 -6.32 -38.15 16.55
CA GLU B 48 -6.14 -39.10 15.45
C GLU B 48 -6.66 -38.52 14.13
N THR B 49 -7.84 -37.87 14.16
CA THR B 49 -8.36 -37.32 12.91
C THR B 49 -7.60 -36.06 12.49
N LEU B 50 -7.06 -35.29 13.45
CA LEU B 50 -6.18 -34.18 13.06
C LEU B 50 -4.98 -34.72 12.31
N TRP B 51 -4.37 -35.80 12.80
CA TRP B 51 -3.22 -36.38 12.12
C TRP B 51 -3.59 -36.90 10.74
N GLN B 52 -4.73 -37.60 10.63
CA GLN B 52 -5.16 -38.11 9.34
C GLN B 52 -5.42 -36.98 8.36
N ALA B 53 -5.94 -35.87 8.85
CA ALA B 53 -6.18 -34.72 7.98
C ALA B 53 -4.88 -34.12 7.46
N GLU B 54 -3.85 -34.06 8.30
CA GLU B 54 -2.55 -33.56 7.84
C GLU B 54 -1.90 -34.55 6.89
N LYS B 55 -2.17 -35.84 7.08
CA LYS B 55 -1.70 -36.85 6.12
C LYS B 55 -2.46 -36.79 4.80
N GLY B 56 -3.73 -36.36 4.83
CA GLY B 56 -4.66 -36.69 3.75
C GLY B 56 -5.44 -35.57 3.09
N LEU B 57 -5.54 -34.39 3.70
CA LEU B 57 -6.18 -33.25 3.06
C LEU B 57 -5.16 -32.34 2.43
N VAL B 58 -5.63 -31.53 1.47
CA VAL B 58 -4.79 -30.59 0.76
C VAL B 58 -4.92 -29.25 1.45
N TRP B 59 -3.81 -28.75 1.99
CA TRP B 59 -3.78 -27.45 2.65
C TRP B 59 -3.04 -26.45 1.76
N LYS B 60 -3.52 -25.20 1.76
CA LYS B 60 -2.84 -24.15 0.99
C LYS B 60 -1.42 -23.96 1.48
N GLN B 61 -1.22 -24.04 2.79
CA GLN B 61 0.11 -24.04 3.38
C GLN B 61 0.52 -25.48 3.67
N LEU B 62 1.53 -25.95 2.95
CA LEU B 62 2.09 -27.27 3.19
C LEU B 62 2.62 -27.37 4.61
N VAL B 63 2.37 -28.51 5.24
CA VAL B 63 2.70 -28.66 6.65
C VAL B 63 4.19 -28.47 6.87
N ASN B 64 5.02 -28.83 5.89
N ASN B 64 5.03 -28.84 5.91
CA ASN B 64 6.46 -28.72 6.01
CA ASN B 64 6.47 -28.73 6.13
C ASN B 64 6.93 -27.28 6.21
C ASN B 64 6.94 -27.27 6.20
N GLY B 65 6.12 -26.31 5.81
CA GLY B 65 6.44 -24.91 5.92
C GLY B 65 5.81 -24.18 7.10
N LEU B 66 5.00 -24.86 7.92
CA LEU B 66 4.56 -24.26 9.16
C LEU B 66 5.78 -24.07 10.05
N PRO B 67 5.70 -23.21 11.06
CA PRO B 67 6.79 -23.16 12.01
C PRO B 67 7.02 -24.54 12.60
N PRO B 68 8.21 -24.79 13.14
CA PRO B 68 8.53 -26.12 13.69
C PRO B 68 7.52 -26.58 14.71
N TYR B 69 7.24 -27.89 14.68
CA TYR B 69 6.21 -28.48 15.53
C TYR B 69 6.57 -28.31 17.00
N LYS B 70 5.57 -27.92 17.82
CA LYS B 70 5.72 -27.86 19.27
C LYS B 70 4.79 -28.81 20.00
N GLU B 71 3.48 -28.73 19.76
CA GLU B 71 2.46 -29.55 20.42
C GLU B 71 1.13 -29.33 19.67
N ILE B 72 0.11 -30.12 20.04
CA ILE B 72 -1.15 -30.14 19.31
C ILE B 72 -1.82 -28.75 19.30
N SER B 73 -1.96 -28.12 20.47
CA SER B 73 -2.67 -26.86 20.57
C SER B 73 -1.96 -25.78 19.77
N VAL B 74 -0.62 -25.77 19.81
CA VAL B 74 0.16 -24.81 19.04
C VAL B 74 0.04 -25.09 17.56
N HIS B 75 0.04 -26.36 17.17
CA HIS B 75 -0.15 -26.70 15.76
C HIS B 75 -1.46 -26.13 15.24
N VAL B 76 -2.54 -26.28 16.02
CA VAL B 76 -3.83 -25.72 15.62
C VAL B 76 -3.69 -24.22 15.48
N PHE B 77 -3.01 -23.57 16.45
CA PHE B 77 -2.79 -22.12 16.37
C PHE B 77 -2.04 -21.76 15.08
N TYR B 78 -1.02 -22.52 14.72
CA TYR B 78 -0.28 -22.23 13.49
C TYR B 78 -1.17 -22.35 12.24
N ARG B 79 -2.07 -23.33 12.20
CA ARG B 79 -3.01 -23.42 11.09
C ARG B 79 -3.95 -22.23 11.07
N CYS B 80 -4.41 -21.78 12.25
CA CYS B 80 -5.24 -20.58 12.33
C CYS B 80 -4.49 -19.36 11.82
N GLN B 81 -3.23 -19.22 12.24
CA GLN B 81 -2.41 -18.08 11.88
C GLN B 81 -2.12 -18.06 10.38
N CYS B 82 -1.87 -19.23 9.79
N CYS B 82 -1.86 -19.23 9.81
CA CYS B 82 -1.62 -19.28 8.35
CA CYS B 82 -1.63 -19.31 8.38
C CYS B 82 -2.84 -18.83 7.57
C CYS B 82 -2.83 -18.82 7.59
N THR B 83 -4.03 -19.29 7.96
CA THR B 83 -5.23 -18.92 7.25
C THR B 83 -5.53 -17.44 7.46
N THR B 84 -5.23 -16.92 8.68
CA THR B 84 -5.41 -15.49 8.93
C THR B 84 -4.58 -14.66 7.95
N VAL B 85 -3.32 -15.01 7.80
CA VAL B 85 -2.43 -14.24 6.92
C VAL B 85 -2.92 -14.35 5.48
N GLU B 86 -3.31 -15.54 5.05
N GLU B 86 -3.35 -15.53 5.04
CA GLU B 86 -3.92 -15.74 3.72
CA GLU B 86 -3.87 -15.64 3.68
C GLU B 86 -5.10 -14.79 3.50
C GLU B 86 -5.13 -14.79 3.48
N THR B 87 -5.97 -14.67 4.51
CA THR B 87 -7.16 -13.84 4.39
C THR B 87 -6.78 -12.36 4.37
N VAL B 88 -5.71 -11.97 5.07
CA VAL B 88 -5.24 -10.59 4.94
C VAL B 88 -4.86 -10.29 3.49
N ARG B 89 -4.23 -11.25 2.81
N ARG B 89 -4.17 -11.21 2.83
CA ARG B 89 -3.85 -11.05 1.42
CA ARG B 89 -3.87 -11.04 1.41
C ARG B 89 -5.07 -10.93 0.50
C ARG B 89 -5.15 -10.81 0.62
N GLU B 90 -6.12 -11.72 0.77
CA GLU B 90 -7.36 -11.60 -0.01
C GLU B 90 -8.05 -10.28 0.24
N LEU B 91 -8.11 -9.86 1.51
CA LEU B 91 -8.77 -8.60 1.86
C LEU B 91 -8.04 -7.42 1.27
N THR B 92 -6.70 -7.48 1.21
CA THR B 92 -5.92 -6.47 0.53
C THR B 92 -6.30 -6.38 -0.94
N GLU B 93 -6.42 -7.54 -1.59
CA GLU B 93 -6.77 -7.51 -3.01
C GLU B 93 -8.20 -7.03 -3.21
N PHE B 94 -9.13 -7.47 -2.36
CA PHE B 94 -10.50 -6.96 -2.38
C PHE B 94 -10.52 -5.45 -2.27
N ALA B 95 -9.84 -4.90 -1.27
CA ALA B 95 -9.81 -3.47 -1.07
C ALA B 95 -9.22 -2.74 -2.27
N LYS B 96 -8.12 -3.27 -2.83
CA LYS B 96 -7.47 -2.64 -3.98
C LYS B 96 -8.39 -2.64 -5.20
N SER B 97 -9.31 -3.60 -5.27
CA SER B 97 -10.26 -3.71 -6.37
C SER B 97 -11.42 -2.74 -6.23
N ILE B 98 -11.46 -1.96 -5.15
CA ILE B 98 -12.43 -0.89 -4.96
C ILE B 98 -11.76 0.42 -5.36
N PRO B 99 -12.18 1.10 -6.46
CA PRO B 99 -11.41 2.25 -6.93
C PRO B 99 -11.20 3.35 -5.91
N SER B 100 -12.19 3.66 -5.05
CA SER B 100 -11.99 4.74 -4.10
C SER B 100 -11.00 4.38 -3.01
N PHE B 101 -10.81 3.08 -2.73
CA PHE B 101 -9.73 2.69 -1.83
C PHE B 101 -8.37 2.88 -2.51
N SER B 102 -8.25 2.42 -3.75
CA SER B 102 -6.96 2.51 -4.45
C SER B 102 -6.57 3.95 -4.77
N SER B 103 -7.51 4.90 -4.69
N SER B 103 -7.53 4.89 -4.71
CA SER B 103 -7.17 6.29 -4.93
CA SER B 103 -7.26 6.30 -4.91
C SER B 103 -6.65 7.00 -3.69
C SER B 103 -6.60 6.96 -3.70
N LEU B 104 -6.77 6.39 -2.51
CA LEU B 104 -6.11 6.90 -1.32
C LEU B 104 -4.60 6.71 -1.45
N PHE B 105 -3.84 7.57 -0.78
CA PHE B 105 -2.41 7.35 -0.73
C PHE B 105 -2.12 6.03 0.00
N LEU B 106 -1.03 5.39 -0.41
CA LEU B 106 -0.77 4.03 0.06
C LEU B 106 -0.67 3.96 1.58
N ASN B 107 -0.20 5.01 2.25
CA ASN B 107 -0.10 4.96 3.70
C ASN B 107 -1.47 4.92 4.36
N ASP B 108 -2.46 5.62 3.79
CA ASP B 108 -3.81 5.47 4.32
C ASP B 108 -4.39 4.09 4.01
N GLN B 109 -4.07 3.50 2.84
CA GLN B 109 -4.52 2.13 2.58
C GLN B 109 -4.03 1.17 3.66
N VAL B 110 -2.75 1.29 4.05
CA VAL B 110 -2.16 0.43 5.06
C VAL B 110 -2.78 0.67 6.41
N THR B 111 -3.05 1.92 6.76
CA THR B 111 -3.71 2.18 8.03
C THR B 111 -5.11 1.54 8.09
N LEU B 112 -5.89 1.66 7.02
CA LEU B 112 -7.21 1.05 7.01
C LEU B 112 -7.12 -0.46 7.15
N LEU B 113 -6.19 -1.07 6.43
CA LEU B 113 -6.10 -2.53 6.53
C LEU B 113 -5.58 -2.97 7.89
N LYS B 114 -4.58 -2.26 8.42
CA LYS B 114 -4.07 -2.57 9.74
C LYS B 114 -5.17 -2.66 10.78
N TYR B 115 -6.02 -1.64 10.84
CA TYR B 115 -7.03 -1.57 11.88
C TYR B 115 -8.36 -2.22 11.50
N GLY B 116 -8.54 -2.64 10.25
CA GLY B 116 -9.79 -3.21 9.81
C GLY B 116 -9.78 -4.68 9.47
N VAL B 117 -8.61 -5.26 9.17
CA VAL B 117 -8.60 -6.60 8.62
C VAL B 117 -9.14 -7.66 9.59
N HIS B 118 -8.81 -7.58 10.90
CA HIS B 118 -9.39 -8.58 11.80
C HIS B 118 -10.90 -8.46 11.93
N GLU B 119 -11.44 -7.23 11.97
CA GLU B 119 -12.88 -7.10 12.01
C GLU B 119 -13.50 -7.79 10.79
N ALA B 120 -12.91 -7.56 9.62
CA ALA B 120 -13.42 -8.14 8.39
C ALA B 120 -13.28 -9.67 8.42
N ILE B 121 -12.15 -10.16 8.91
CA ILE B 121 -11.92 -11.60 9.01
C ILE B 121 -12.98 -12.25 9.88
N PHE B 122 -13.23 -11.69 11.08
CA PHE B 122 -14.21 -12.32 11.95
C PHE B 122 -15.63 -12.21 11.43
N ALA B 123 -15.95 -11.18 10.64
CA ALA B 123 -17.24 -11.15 9.95
C ALA B 123 -17.35 -12.24 8.89
N MET B 124 -16.34 -12.40 8.03
CA MET B 124 -16.39 -13.39 6.96
C MET B 124 -16.31 -14.79 7.52
N LEU B 125 -15.63 -14.94 8.65
CA LEU B 125 -15.53 -16.25 9.29
C LEU B 125 -16.90 -16.88 9.50
N ALA B 126 -17.88 -16.05 9.82
CA ALA B 126 -19.20 -16.62 10.09
C ALA B 126 -19.72 -17.43 8.93
N SER B 127 -19.34 -17.06 7.70
CA SER B 127 -19.77 -17.77 6.50
C SER B 127 -19.42 -19.26 6.50
N ILE B 128 -18.31 -19.62 7.14
CA ILE B 128 -17.83 -21.01 7.14
C ILE B 128 -18.10 -21.71 8.47
N VAL B 129 -18.88 -21.10 9.35
CA VAL B 129 -19.14 -21.58 10.71
C VAL B 129 -20.59 -22.02 10.85
N ASN B 130 -20.80 -23.09 11.60
CA ASN B 130 -22.10 -23.29 12.23
C ASN B 130 -21.91 -23.60 13.70
N LYS B 131 -22.99 -23.94 14.41
CA LYS B 131 -22.87 -24.04 15.87
C LYS B 131 -21.98 -25.21 16.28
N ASP B 132 -21.71 -26.13 15.36
CA ASP B 132 -20.95 -27.35 15.66
C ASP B 132 -19.49 -27.30 15.23
N GLY B 133 -19.07 -26.34 14.41
CA GLY B 133 -17.70 -26.27 13.95
C GLY B 133 -17.55 -25.40 12.71
N LEU B 134 -16.43 -25.57 12.01
CA LEU B 134 -16.16 -24.70 10.87
C LEU B 134 -15.36 -25.44 9.80
N LEU B 135 -15.49 -24.97 8.56
CA LEU B 135 -14.79 -25.54 7.43
C LEU B 135 -13.31 -25.15 7.47
N VAL B 136 -12.46 -26.09 7.07
CA VAL B 136 -11.05 -25.84 6.85
C VAL B 136 -10.63 -26.48 5.54
N ALA B 137 -9.40 -26.18 5.14
CA ALA B 137 -8.79 -26.82 3.97
C ALA B 137 -9.69 -26.65 2.75
N ASN B 138 -10.06 -25.40 2.48
CA ASN B 138 -10.84 -25.08 1.31
C ASN B 138 -12.14 -25.90 1.26
N GLY B 139 -12.73 -26.13 2.45
CA GLY B 139 -13.96 -26.87 2.54
C GLY B 139 -13.86 -28.38 2.53
N SER B 140 -12.64 -28.94 2.47
N SER B 140 -12.65 -28.94 2.48
CA SER B 140 -12.46 -30.37 2.48
CA SER B 140 -12.49 -30.39 2.47
C SER B 140 -12.53 -30.97 3.88
C SER B 140 -12.38 -30.99 3.88
N GLY B 141 -12.34 -30.14 4.90
CA GLY B 141 -12.39 -30.59 6.28
C GLY B 141 -13.39 -29.77 7.07
N PHE B 142 -13.77 -30.32 8.21
CA PHE B 142 -14.66 -29.66 9.16
C PHE B 142 -14.09 -29.92 10.55
N VAL B 143 -13.68 -28.88 11.24
CA VAL B 143 -13.15 -29.00 12.60
C VAL B 143 -14.26 -28.70 13.61
N THR B 144 -14.50 -29.62 14.55
CA THR B 144 -15.58 -29.42 15.49
C THR B 144 -15.24 -28.38 16.56
N ARG B 145 -16.27 -27.63 16.94
CA ARG B 145 -16.17 -26.67 18.00
C ARG B 145 -15.79 -27.33 19.32
N GLU B 146 -16.32 -28.53 19.58
CA GLU B 146 -15.97 -29.24 20.81
C GLU B 146 -14.48 -29.59 20.85
N PHE B 147 -13.92 -30.00 19.71
CA PHE B 147 -12.48 -30.26 19.68
C PHE B 147 -11.68 -28.99 19.96
N LEU B 148 -12.07 -27.86 19.35
CA LEU B 148 -11.33 -26.63 19.62
C LEU B 148 -11.49 -26.21 21.09
N ARG B 149 -12.64 -26.49 21.73
CA ARG B 149 -12.80 -26.20 23.15
C ARG B 149 -11.87 -27.04 24.01
N SER B 150 -11.46 -28.19 23.50
CA SER B 150 -10.65 -29.13 24.28
C SER B 150 -9.16 -28.80 24.26
N LEU B 151 -8.71 -27.86 23.44
CA LEU B 151 -7.34 -27.42 23.44
C LEU B 151 -7.01 -26.72 24.76
N ARG B 152 -5.74 -26.64 25.08
CA ARG B 152 -5.43 -26.02 26.36
C ARG B 152 -5.57 -24.51 26.22
N LYS B 153 -5.83 -23.87 27.35
CA LYS B 153 -5.69 -22.43 27.42
C LYS B 153 -4.24 -22.11 27.11
N PRO B 154 -4.01 -21.00 26.42
CA PRO B 154 -4.88 -19.93 25.94
C PRO B 154 -5.53 -20.11 24.55
N PHE B 155 -5.28 -21.24 23.93
CA PHE B 155 -5.69 -21.44 22.56
C PHE B 155 -7.19 -21.71 22.45
N SER B 156 -7.76 -22.44 23.39
CA SER B 156 -9.20 -22.63 23.34
C SER B 156 -9.93 -21.30 23.58
N ASP B 157 -9.41 -20.47 24.49
CA ASP B 157 -10.08 -19.21 24.85
C ASP B 157 -10.09 -18.20 23.72
N ILE B 158 -9.09 -18.21 22.83
CA ILE B 158 -9.09 -17.23 21.74
C ILE B 158 -10.02 -17.65 20.61
N ILE B 159 -10.45 -18.92 20.60
CA ILE B 159 -11.32 -19.42 19.53
C ILE B 159 -12.79 -19.26 19.86
N GLU B 160 -13.24 -19.69 21.05
CA GLU B 160 -14.68 -19.77 21.32
C GLU B 160 -15.44 -18.46 21.10
N PRO B 161 -14.92 -17.28 21.44
CA PRO B 161 -15.74 -16.06 21.26
C PRO B 161 -16.12 -15.80 19.82
N LYS B 162 -15.32 -16.26 18.87
CA LYS B 162 -15.62 -16.08 17.46
C LYS B 162 -16.82 -16.93 17.06
N PHE B 163 -16.95 -18.13 17.63
CA PHE B 163 -18.16 -18.92 17.41
C PHE B 163 -19.40 -18.23 17.97
N GLU B 164 -19.28 -17.65 19.17
CA GLU B 164 -20.42 -16.96 19.77
C GLU B 164 -20.89 -15.83 18.85
N PHE B 165 -19.94 -15.03 18.35
CA PHE B 165 -20.29 -13.94 17.43
C PHE B 165 -20.92 -14.49 16.16
N ALA B 166 -20.30 -15.51 15.58
CA ALA B 166 -20.71 -16.01 14.28
C ALA B 166 -22.11 -16.57 14.27
N VAL B 167 -22.50 -17.34 15.30
CA VAL B 167 -23.82 -17.94 15.27
C VAL B 167 -24.88 -16.85 15.34
N LYS B 168 -24.63 -15.80 16.12
CA LYS B 168 -25.57 -14.69 16.15
C LYS B 168 -25.58 -13.93 14.84
N PHE B 169 -24.41 -13.71 14.24
CA PHE B 169 -24.32 -12.98 12.98
C PHE B 169 -25.04 -13.75 11.87
N ASN B 170 -24.88 -15.08 11.86
CA ASN B 170 -25.53 -15.88 10.82
C ASN B 170 -27.05 -15.88 10.94
N ALA B 171 -27.61 -15.64 12.13
CA ALA B 171 -29.07 -15.52 12.25
C ALA B 171 -29.64 -14.34 11.46
N LEU B 172 -28.80 -13.38 11.05
CA LEU B 172 -29.25 -12.28 10.20
C LEU B 172 -29.41 -12.68 8.73
N GLU B 173 -28.86 -13.83 8.32
N GLU B 173 -28.84 -13.82 8.33
CA GLU B 173 -29.09 -14.43 7.00
CA GLU B 173 -29.08 -14.43 7.01
C GLU B 173 -28.63 -13.52 5.86
C GLU B 173 -28.64 -13.50 5.88
N LEU B 174 -27.48 -12.88 6.06
CA LEU B 174 -26.87 -12.10 4.98
C LEU B 174 -26.43 -13.03 3.86
N ASP B 175 -26.50 -12.54 2.63
CA ASP B 175 -25.90 -13.23 1.49
C ASP B 175 -24.61 -12.53 1.06
N ASP B 176 -23.94 -13.10 0.04
CA ASP B 176 -22.63 -12.61 -0.34
C ASP B 176 -22.68 -11.17 -0.82
N SER B 177 -23.77 -10.80 -1.48
CA SER B 177 -23.88 -9.42 -1.98
C SER B 177 -24.02 -8.43 -0.84
N ASP B 178 -24.70 -8.83 0.26
CA ASP B 178 -24.75 -8.02 1.49
C ASP B 178 -23.38 -7.95 2.14
N LEU B 179 -22.70 -9.09 2.22
CA LEU B 179 -21.42 -9.14 2.91
C LEU B 179 -20.36 -8.31 2.19
N ALA B 180 -20.39 -8.27 0.86
CA ALA B 180 -19.43 -7.45 0.12
C ALA B 180 -19.51 -6.01 0.57
N LEU B 181 -20.70 -5.48 0.77
CA LEU B 181 -20.84 -4.10 1.21
C LEU B 181 -20.48 -3.93 2.68
N PHE B 182 -20.86 -4.92 3.51
CA PHE B 182 -20.57 -4.84 4.93
C PHE B 182 -19.07 -4.82 5.16
N ILE B 183 -18.35 -5.74 4.49
CA ILE B 183 -16.90 -5.79 4.64
CA ILE B 183 -16.90 -5.79 4.64
C ILE B 183 -16.24 -4.54 4.08
N ALA B 184 -16.75 -4.00 2.98
CA ALA B 184 -16.17 -2.76 2.47
C ALA B 184 -16.32 -1.65 3.50
N ALA B 185 -17.46 -1.61 4.19
CA ALA B 185 -17.72 -0.58 5.20
C ALA B 185 -16.80 -0.73 6.40
N ILE B 186 -16.39 -1.97 6.69
N ILE B 186 -16.53 -1.99 6.77
CA ILE B 186 -15.39 -2.19 7.72
CA ILE B 186 -15.61 -2.28 7.87
C ILE B 186 -14.01 -1.68 7.28
C ILE B 186 -14.25 -1.65 7.60
N ILE B 187 -13.61 -1.98 6.04
N ILE B 187 -13.71 -1.88 6.40
CA ILE B 187 -12.28 -1.58 5.60
CA ILE B 187 -12.35 -1.44 6.05
C ILE B 187 -12.22 -0.07 5.40
C ILE B 187 -12.31 0.07 5.83
N LEU B 188 -13.29 0.54 4.89
N LEU B 188 -13.17 0.56 4.95
CA LEU B 188 -13.34 1.98 4.61
CA LEU B 188 -13.21 1.99 4.61
C LEU B 188 -13.99 2.67 5.80
C LEU B 188 -13.93 2.70 5.75
N CYS B 189 -13.19 2.84 6.86
CA CYS B 189 -13.70 3.31 8.14
C CYS B 189 -12.96 4.56 8.57
N GLY B 190 -13.68 5.65 8.68
CA GLY B 190 -13.03 6.90 8.97
C GLY B 190 -12.58 7.09 10.40
N ASP B 191 -12.86 6.13 11.28
CA ASP B 191 -12.50 6.23 12.68
C ASP B 191 -11.08 5.72 12.97
N ARG B 192 -10.38 5.12 12.02
CA ARG B 192 -9.12 4.47 12.34
C ARG B 192 -8.05 5.49 12.76
N PRO B 193 -7.24 5.16 13.77
N PRO B 193 -7.22 5.19 13.75
CA PRO B 193 -6.17 6.08 14.19
CA PRO B 193 -6.25 6.19 14.20
C PRO B 193 -5.16 6.33 13.08
C PRO B 193 -5.04 6.31 13.29
N GLY B 194 -4.62 7.54 13.06
CA GLY B 194 -3.49 7.84 12.18
C GLY B 194 -3.83 8.06 10.73
N LEU B 195 -5.10 8.05 10.35
CA LEU B 195 -5.47 8.40 8.98
C LEU B 195 -5.04 9.81 8.63
N MET B 196 -4.56 9.95 7.39
CA MET B 196 -4.12 11.23 6.90
C MET B 196 -5.29 12.04 6.36
N ASN B 197 -6.15 11.41 5.56
CA ASN B 197 -7.27 12.11 4.92
C ASN B 197 -8.57 11.58 5.50
N VAL B 198 -8.88 11.97 6.73
CA VAL B 198 -10.11 11.51 7.37
C VAL B 198 -11.35 11.92 6.57
N PRO B 199 -11.51 13.17 6.14
CA PRO B 199 -12.75 13.53 5.44
C PRO B 199 -13.00 12.66 4.23
N ARG B 200 -11.95 12.28 3.51
CA ARG B 200 -12.14 11.45 2.33
C ARG B 200 -12.61 10.05 2.72
N VAL B 201 -11.98 9.46 3.72
CA VAL B 201 -12.39 8.13 4.14
C VAL B 201 -13.81 8.16 4.71
N GLU B 202 -14.15 9.22 5.48
CA GLU B 202 -15.51 9.33 6.03
C GLU B 202 -16.54 9.40 4.91
N ALA B 203 -16.23 10.13 3.83
CA ALA B 203 -17.13 10.26 2.70
C ALA B 203 -17.33 8.94 1.98
N ILE B 204 -16.24 8.16 1.79
CA ILE B 204 -16.38 6.85 1.17
C ILE B 204 -17.22 5.93 2.04
N GLN B 205 -16.92 5.89 3.35
N GLN B 205 -16.97 5.91 3.35
CA GLN B 205 -17.68 5.12 4.32
CA GLN B 205 -17.72 5.01 4.22
C GLN B 205 -19.17 5.39 4.20
C GLN B 205 -19.20 5.38 4.24
N ASP B 206 -19.54 6.66 4.23
CA ASP B 206 -20.94 7.02 4.18
C ASP B 206 -21.59 6.54 2.88
N THR B 207 -20.88 6.66 1.75
CA THR B 207 -21.40 6.15 0.48
C THR B 207 -21.67 4.67 0.55
N ILE B 208 -20.75 3.90 1.13
CA ILE B 208 -20.94 2.45 1.25
C ILE B 208 -22.15 2.16 2.14
N LEU B 209 -22.27 2.88 3.26
CA LEU B 209 -23.41 2.65 4.15
C LEU B 209 -24.74 3.00 3.49
N ARG B 210 -24.82 4.12 2.75
CA ARG B 210 -26.04 4.41 2.02
C ARG B 210 -26.33 3.34 0.98
N ALA B 211 -25.28 2.85 0.31
CA ALA B 211 -25.47 1.78 -0.66
C ALA B 211 -26.01 0.53 0.03
N LEU B 212 -25.49 0.24 1.22
CA LEU B 212 -25.91 -0.94 1.98
C LEU B 212 -27.36 -0.80 2.44
N GLU B 213 -27.80 0.37 2.92
N GLU B 213 -27.74 0.36 2.99
CA GLU B 213 -29.19 0.44 3.37
CA GLU B 213 -29.13 0.63 3.33
C GLU B 213 -30.15 0.29 2.20
C GLU B 213 -30.05 0.24 2.19
N PHE B 214 -29.81 0.84 1.03
CA PHE B 214 -30.69 0.64 -0.13
C PHE B 214 -30.65 -0.81 -0.58
N HIS B 215 -29.47 -1.43 -0.52
CA HIS B 215 -29.32 -2.83 -0.92
C HIS B 215 -30.20 -3.73 -0.06
N LEU B 216 -30.22 -3.49 1.26
CA LEU B 216 -31.06 -4.27 2.15
C LEU B 216 -32.54 -4.06 1.90
N GLN B 217 -32.95 -2.84 1.53
CA GLN B 217 -34.36 -2.64 1.19
C GLN B 217 -34.77 -3.47 -0.03
N ALA B 218 -33.87 -3.64 -0.99
CA ALA B 218 -34.24 -4.41 -2.18
C ALA B 218 -34.11 -5.92 -1.95
N ASN B 219 -33.07 -6.34 -1.25
CA ASN B 219 -32.72 -7.75 -1.12
C ASN B 219 -33.40 -8.41 0.07
N HIS B 220 -33.72 -7.64 1.12
CA HIS B 220 -34.37 -8.13 2.34
C HIS B 220 -35.53 -7.21 2.72
N PRO B 221 -36.53 -7.07 1.86
CA PRO B 221 -37.57 -6.07 2.12
C PRO B 221 -38.44 -6.37 3.35
N ASP B 222 -38.44 -7.58 3.87
CA ASP B 222 -39.26 -7.94 5.02
C ASP B 222 -38.49 -7.98 6.33
N ALA B 223 -37.19 -7.68 6.33
CA ALA B 223 -36.32 -7.88 7.49
C ALA B 223 -36.22 -6.56 8.24
N GLN B 224 -37.09 -6.40 9.24
CA GLN B 224 -37.20 -5.11 9.91
C GLN B 224 -35.95 -4.84 10.75
N TYR B 225 -35.51 -3.58 10.69
N TYR B 225 -35.49 -3.58 10.71
CA TYR B 225 -34.38 -3.09 11.48
CA TYR B 225 -34.37 -3.11 11.51
C TYR B 225 -33.06 -3.78 11.13
C TYR B 225 -33.03 -3.72 11.10
N LEU B 226 -32.95 -4.43 9.96
CA LEU B 226 -31.69 -5.10 9.62
C LEU B 226 -30.53 -4.13 9.51
N PHE B 227 -30.75 -2.94 8.93
CA PHE B 227 -29.61 -2.03 8.82
C PHE B 227 -29.07 -1.59 10.17
N PRO B 228 -29.86 -1.06 11.09
CA PRO B 228 -29.30 -0.71 12.40
C PRO B 228 -28.72 -1.90 13.13
N LYS B 229 -29.30 -3.09 12.94
CA LYS B 229 -28.69 -4.29 13.53
C LYS B 229 -27.27 -4.49 13.03
N LEU B 230 -27.03 -4.28 11.73
CA LEU B 230 -25.68 -4.43 11.17
C LEU B 230 -24.72 -3.34 11.64
N LEU B 231 -25.20 -2.10 11.81
CA LEU B 231 -24.36 -1.08 12.44
C LEU B 231 -23.89 -1.51 13.81
N GLN B 232 -24.78 -2.12 14.60
CA GLN B 232 -24.41 -2.62 15.91
C GLN B 232 -23.40 -3.75 15.79
N LYS B 233 -23.55 -4.63 14.79
CA LYS B 233 -22.56 -5.69 14.59
C LYS B 233 -21.19 -5.11 14.27
N MET B 234 -21.11 -4.00 13.53
CA MET B 234 -19.84 -3.34 13.29
C MET B 234 -19.21 -2.89 14.61
N ALA B 235 -20.02 -2.31 15.51
CA ALA B 235 -19.54 -1.92 16.83
C ALA B 235 -19.09 -3.15 17.61
N ASP B 236 -19.89 -4.22 17.59
CA ASP B 236 -19.53 -5.47 18.28
C ASP B 236 -18.20 -6.05 17.78
N LEU B 237 -17.95 -5.97 16.48
CA LEU B 237 -16.70 -6.51 15.92
C LEU B 237 -15.50 -5.75 16.47
N ARG B 238 -15.64 -4.43 16.69
CA ARG B 238 -14.55 -3.66 17.28
C ARG B 238 -14.19 -4.22 18.64
N GLN B 239 -15.21 -4.56 19.45
CA GLN B 239 -14.97 -5.09 20.78
C GLN B 239 -14.39 -6.49 20.69
N LEU B 240 -14.84 -7.27 19.71
CA LEU B 240 -14.30 -8.63 19.52
C LEU B 240 -12.82 -8.56 19.19
N VAL B 241 -12.42 -7.60 18.37
CA VAL B 241 -11.02 -7.53 17.98
C VAL B 241 -10.17 -6.92 19.10
N THR B 242 -10.72 -6.00 19.90
CA THR B 242 -10.01 -5.54 21.11
C THR B 242 -9.67 -6.73 22.01
N GLU B 243 -10.67 -7.57 22.29
CA GLU B 243 -10.46 -8.76 23.10
C GLU B 243 -9.46 -9.70 22.45
N HIS B 244 -9.57 -9.90 21.14
CA HIS B 244 -8.64 -10.75 20.43
C HIS B 244 -7.21 -10.27 20.61
N ALA B 245 -6.98 -8.97 20.43
CA ALA B 245 -5.65 -8.42 20.52
C ALA B 245 -5.11 -8.52 21.93
N GLN B 246 -5.97 -8.39 22.93
CA GLN B 246 -5.56 -8.59 24.32
C GLN B 246 -5.14 -10.02 24.58
N MET B 247 -5.88 -10.97 24.03
CA MET B 247 -5.51 -12.38 24.16
C MET B 247 -4.20 -12.66 23.43
N MET B 248 -4.00 -12.05 22.25
CA MET B 248 -2.72 -12.23 21.57
C MET B 248 -1.56 -11.63 22.37
N GLN B 249 -1.76 -10.52 23.09
CA GLN B 249 -0.70 -10.03 23.96
C GLN B 249 -0.33 -11.05 25.04
N ARG B 250 -1.33 -11.75 25.57
CA ARG B 250 -1.05 -12.74 26.60
C ARG B 250 -0.36 -13.95 26.00
N ILE B 251 -0.71 -14.34 24.77
CA ILE B 251 0.01 -15.43 24.11
C ILE B 251 1.45 -15.04 23.90
N LYS B 252 1.70 -13.81 23.44
CA LYS B 252 3.09 -13.35 23.27
C LYS B 252 3.86 -13.37 24.61
N LYS B 253 3.21 -13.00 25.71
N LYS B 253 3.21 -13.01 25.71
CA LYS B 253 3.87 -12.93 27.01
CA LYS B 253 3.89 -12.93 27.00
C LYS B 253 4.12 -14.30 27.61
C LYS B 253 4.13 -14.31 27.62
N THR B 254 3.15 -15.21 27.50
CA THR B 254 3.15 -16.46 28.28
C THR B 254 3.49 -17.70 27.45
N GLU B 255 3.42 -17.62 26.14
CA GLU B 255 3.65 -18.78 25.25
C GLU B 255 4.85 -18.47 24.38
N THR B 256 6.02 -18.43 24.99
CA THR B 256 7.18 -17.90 24.30
C THR B 256 7.71 -18.84 23.22
N GLU B 257 7.35 -20.13 23.28
CA GLU B 257 7.76 -21.05 22.22
C GLU B 257 6.85 -20.99 21.01
N THR B 258 5.78 -20.22 21.05
CA THR B 258 4.85 -20.13 19.94
C THR B 258 5.32 -19.03 19.00
N SER B 259 5.50 -19.38 17.73
CA SER B 259 5.99 -18.45 16.72
C SER B 259 4.86 -17.57 16.22
N LEU B 260 5.03 -16.25 16.29
CA LEU B 260 4.00 -15.31 15.90
C LEU B 260 4.41 -14.66 14.59
N HIS B 261 3.52 -14.66 13.64
CA HIS B 261 3.85 -14.18 12.31
C HIS B 261 4.13 -12.67 12.34
N PRO B 262 5.23 -12.22 11.70
CA PRO B 262 5.60 -10.79 11.80
C PRO B 262 4.58 -9.83 11.23
N LEU B 263 3.80 -10.25 10.25
CA LEU B 263 2.79 -9.34 9.70
C LEU B 263 1.73 -9.02 10.75
N LEU B 264 1.28 -10.04 11.49
CA LEU B 264 0.26 -9.79 12.50
C LEU B 264 0.86 -9.03 13.68
N GLN B 265 2.14 -9.25 13.99
CA GLN B 265 2.80 -8.45 15.02
C GLN B 265 2.81 -6.97 14.65
N GLU B 266 2.97 -6.65 13.36
CA GLU B 266 2.90 -5.26 12.93
C GLU B 266 1.51 -4.68 13.11
N ILE B 267 0.47 -5.50 12.95
CA ILE B 267 -0.89 -5.08 13.24
C ILE B 267 -1.05 -4.76 14.71
N TYR B 268 -0.62 -5.68 15.58
CA TYR B 268 -0.85 -5.53 17.02
C TYR B 268 -0.02 -4.44 17.67
N LYS B 269 1.10 -4.04 17.04
CA LYS B 269 1.95 -2.99 17.60
C LYS B 269 1.18 -1.83 18.24
N ASP B 270 0.36 -1.13 17.47
CA ASP B 270 -0.20 0.11 17.97
C ASP B 270 -1.70 0.02 18.22
N MET B 271 -2.12 -1.06 18.85
CA MET B 271 -3.52 -1.26 19.19
C MET B 271 -3.77 -1.00 20.68
C4 7UJ C . 13.63 21.05 -7.94
C4 7UJ C . 13.63 21.05 -7.94
C5 7UJ C . 12.79 20.97 -6.83
C5 7UJ C . 12.79 20.97 -6.84
C6 7UJ C . 11.33 20.62 -6.98
C6 7UJ C . 11.33 20.62 -6.99
C7 7UJ C . 12.88 21.40 -3.20
C7 7UJ C . 12.87 21.42 -3.20
C8 7UJ C . 11.72 21.51 -2.24
C8 7UJ C . 11.70 21.51 -2.23
C10 7UJ C . 9.95 20.32 -1.04
C10 7UJ C . 10.08 20.17 -0.95
C13 7UJ C . 11.29 18.49 -8.26
C13 7UJ C . 11.31 18.50 -8.31
C15 7UJ C . 12.46 18.01 -7.41
C15 7UJ C . 12.45 18.02 -7.42
C17 7UJ C . 9.99 21.94 -9.37
C17 7UJ C . 9.98 21.95 -9.39
C20 7UJ C . 8.25 23.60 -9.58
C20 7UJ C . 8.24 23.60 -9.60
C21 7UJ C . 9.20 24.62 -9.56
C21 7UJ C . 9.19 24.62 -9.57
C22 7UJ C . 10.55 24.29 -9.47
C22 7UJ C . 10.54 24.30 -9.48
C24 7UJ C . 9.67 27.06 -9.28
C24 7UJ C . 9.65 27.07 -9.29
C26 7UJ C . 7.25 27.70 -10.55
C26 7UJ C . 7.23 27.73 -10.55
C28 7UJ C . 9.30 28.39 -9.46
C28 7UJ C . 9.28 28.40 -9.47
O3 7UJ C . 10.24 19.85 -10.34
O3 7UJ C . 10.21 19.86 -10.35
C16 7UJ C . 10.44 20.49 -9.31
C16 7UJ C . 10.43 20.50 -9.32
C19 7UJ C . 8.65 22.26 -9.49
C19 7UJ C . 8.64 22.27 -9.51
C23 7UJ C . 8.81 26.06 -9.71
C23 7UJ C . 8.79 26.06 -9.73
C25 7UJ C . 7.62 26.35 -10.37
C25 7UJ C . 7.60 26.38 -10.37
C27 7UJ C . 8.11 28.69 -10.09
C27 7UJ C . 8.09 28.71 -10.09
C18 7UJ C . 10.94 22.96 -9.37
C18 7UJ C . 10.93 22.97 -9.39
N 7UJ C . 11.02 19.95 -8.23
N 7UJ C . 11.01 19.96 -8.25
C14 7UJ C . 10.00 17.80 -7.85
C14 7UJ C . 10.01 17.81 -7.93
C3 7UJ C . 14.99 21.36 -7.76
C3 7UJ C . 14.99 21.36 -7.76
C2 7UJ C . 15.47 21.58 -6.48
C2 7UJ C . 15.47 21.59 -6.47
C1 7UJ C . 14.64 21.49 -5.38
C1 7UJ C . 14.63 21.50 -5.38
C 7UJ C . 13.28 21.20 -5.57
C 7UJ C . 13.28 21.20 -5.57
O 7UJ C . 12.42 21.11 -4.53
O 7UJ C . 12.41 21.12 -4.52
C9 7UJ C . 10.92 20.22 -2.20
C9 7UJ C . 10.92 20.21 -2.21
C11 7UJ C . 8.97 19.16 -1.01
C11 7UJ C . 8.99 19.11 -1.06
C12 7UJ C . 9.49 18.16 -0.01
C12 7UJ C . 9.55 17.73 -0.75
O1 7UJ C . 10.32 17.34 -0.45
O1 7UJ C . 8.97 16.75 -1.25
O2 7UJ C . 9.11 18.21 1.19
O2 7UJ C . 10.55 17.66 0.00
H3 7UJ C . 13.25 20.87 -8.93
H3 7UJ C . 13.25 20.87 -8.93
H4 7UJ C . 11.04 19.98 -6.14
H4 7UJ C . 11.03 19.99 -6.16
H5 7UJ C . 10.75 21.54 -6.91
H5 7UJ C . 10.74 21.55 -6.92
H7 7UJ C . 13.44 22.33 -3.20
H7 7UJ C . 13.42 22.36 -3.20
H6 7UJ C . 13.56 20.61 -2.88
H6 7UJ C . 13.54 20.62 -2.86
H8 7UJ C . 12.10 21.73 -1.24
H8 7UJ C . 12.08 21.73 -1.23
H9 7UJ C . 11.08 22.34 -2.55
H9 7UJ C . 11.05 22.33 -2.53
H13 7UJ C . 10.52 20.33 -0.10
H13 7UJ C . 10.72 19.94 -0.10
H12 7UJ C . 9.39 21.26 -1.10
H12 7UJ C . 9.63 21.14 -0.78
H16 7UJ C . 11.50 18.20 -9.31
H16 7UJ C . 11.54 18.23 -9.35
H20 7UJ C . 12.28 18.26 -6.40
H20 7UJ C . 12.24 18.24 -6.41
H21 7UJ C . 13.35 18.49 -7.74
H21 7UJ C . 13.35 18.51 -7.71
H22 7UJ C . 12.57 16.96 -7.51
H22 7UJ C . 12.58 16.98 -7.54
H25 7UJ C . 7.20 23.84 -9.68
H25 7UJ C . 7.19 23.85 -9.69
H26 7UJ C . 11.30 25.08 -9.47
H26 7UJ C . 11.29 25.09 -9.47
H27 7UJ C . 10.59 26.81 -8.78
H27 7UJ C . 10.58 26.82 -8.80
H29 7UJ C . 6.32 27.95 -11.04
H29 7UJ C . 6.30 27.98 -11.04
H31 7UJ C . 9.94 29.19 -9.11
H31 7UJ C . 9.93 29.19 -9.12
H24 7UJ C . 7.90 21.47 -9.50
H24 7UJ C . 7.90 21.48 -9.53
H28 7UJ C . 6.97 25.56 -10.72
H28 7UJ C . 6.94 25.59 -10.73
H30 7UJ C . 7.83 29.72 -10.23
H30 7UJ C . 7.81 29.74 -10.21
H23 7UJ C . 12.00 22.71 -9.29
H23 7UJ C . 11.98 22.73 -9.31
H18 7UJ C . 9.74 18.11 -6.87
H18 7UJ C . 9.73 18.11 -6.95
H17 7UJ C . 10.14 16.75 -7.86
H17 7UJ C . 10.15 16.76 -7.95
H19 7UJ C . 9.23 18.06 -8.52
H19 7UJ C . 9.25 18.07 -8.61
H2 7UJ C . 15.65 21.42 -8.61
H2 7UJ C . 15.65 21.42 -8.61
H1 7UJ C . 16.52 21.82 -6.34
H1 7UJ C . 16.51 21.83 -6.33
H 7UJ C . 15.02 21.69 -4.39
H 7UJ C . 15.01 21.69 -4.38
H10 7UJ C . 10.37 20.09 -3.13
H10 7UJ C . 10.27 20.15 -3.09
H11 7UJ C . 11.57 19.36 -2.07
H11 7UJ C . 11.60 19.36 -2.24
H14 7UJ C . 7.97 19.51 -0.72
H14 7UJ C . 8.18 19.34 -0.37
H15 7UJ C . 8.90 18.70 -2.01
H15 7UJ C . 8.57 19.12 -2.07
C5 B7G D . 2.52 4.56 7.85
O5 B7G D . 2.79 5.63 6.90
C1 B7G D . 4.13 6.19 7.06
C2 B7G D . 4.31 6.71 8.47
C3 B7G D . 4.06 5.66 9.49
C4 B7G D . 2.76 4.95 9.31
C6 B7G D . 1.10 4.13 7.67
O1 B7G D . 4.27 7.21 6.13
C7 B7G D . 4.52 6.77 4.78
C8 B7G D . 4.22 7.93 3.82
C9 B7G D . 4.88 7.68 2.45
C10 B7G D . 3.98 6.86 1.53
C11 B7G D . 4.55 7.06 0.12
C12 B7G D . 3.64 6.31 -0.87
O2 B7G D . 5.66 7.18 8.63
O3 B7G D . 4.07 6.28 10.81
O4 B7G D . 2.74 3.74 10.07
O6 B7G D . 1.10 3.36 6.50
C13 B7G D . 2.36 7.13 -1.12
H5 B7G D . 3.10 3.79 7.64
H1 B7G D . 4.79 5.49 6.88
H2 B7G D . 3.70 7.46 8.62
H3 B7G D . 4.78 5.00 9.46
H4 B7G D . 2.03 5.54 9.60
H61 B7G D . 0.54 4.92 7.55
H62 B7G D . 0.80 3.60 8.44
H71 B7G D . 5.46 6.51 4.70
H72 B7G D . 3.93 6.01 4.57
H81 B7G D . 3.26 8.03 3.71
H82 B7G D . 4.59 8.76 4.20
H91 B7G D . 5.05 8.54 2.03
H92 B7G D . 5.73 7.22 2.57
H101 B7G D . 3.07 7.19 1.57
H102 B7G D . 4.01 5.92 1.79
H111 B7G D . 5.47 6.71 0.07
H112 B7G D . 4.55 8.02 -0.09
H121 B7G D . 4.11 6.20 -1.72
H122 B7G D . 3.40 5.44 -0.51
HO2 B7G D . 6.23 6.49 8.61
HO3 B7G D . 4.49 5.75 11.39
HO4 B7G D . 1.91 3.59 10.37
HO6 B7G D . 1.48 2.58 6.66
H131 B7G D . 1.77 6.62 -1.72
H132 B7G D . 2.59 7.99 -1.54
H133 B7G D . 1.91 7.29 -0.28
C1 PGO E . 25.27 -11.81 -15.29
C2 PGO E . 24.93 -11.99 -13.82
C3 PGO E . 26.13 -12.58 -13.11
O1 PGO E . 24.10 -11.84 -16.07
O2 PGO E . 23.83 -12.85 -13.68
H11 PGO E . 25.86 -12.53 -15.57
H12 PGO E . 25.71 -10.96 -15.41
H2 PGO E . 24.73 -11.13 -13.43
H31 PGO E . 26.83 -11.92 -13.03
H32 PGO E . 25.86 -12.89 -12.22
H33 PGO E . 26.46 -13.35 -13.62
HO1 PGO E . 24.30 -11.58 -16.90
HO2 PGO E . 23.08 -12.37 -13.66
C1 PEG F . 2.99 43.56 -13.34
O1 PEG F . 4.27 43.72 -12.75
C2 PEG F . 3.02 43.94 -14.83
O2 PEG F . 1.82 43.50 -15.45
C3 PEG F . 1.63 43.85 -16.84
C4 PEG F . 2.08 42.75 -17.69
O4 PEG F . 1.33 42.72 -18.87
H11 PEG F . 2.70 42.63 -13.25
H12 PEG F . 2.34 44.15 -12.88
HO1 PEG F . 4.66 42.94 -12.71
H21 PEG F . 3.78 43.52 -15.26
H22 PEG F . 3.10 44.91 -14.92
H31 PEG F . 2.16 44.65 -17.05
H32 PEG F . 0.70 44.02 -17.01
H41 PEG F . 3.03 42.88 -17.91
H42 PEG F . 1.98 41.92 -17.22
HO4 PEG F . 1.12 41.93 -19.05
C1 PEG G . -0.76 34.36 -6.92
O1 PEG G . -2.00 33.69 -7.12
C2 PEG G . 0.16 34.19 -8.13
O2 PEG G . 1.50 34.52 -7.79
C3 PEG G . 1.71 35.92 -7.45
C4 PEG G . 3.10 36.29 -7.68
O4 PEG G . 3.57 35.60 -8.78
H11 PEG G . -0.94 35.32 -6.78
H12 PEG G . -0.32 33.98 -6.12
HO1 PEG G . -2.16 33.15 -6.46
H21 PEG G . 0.12 33.26 -8.43
H22 PEG G . -0.14 34.76 -8.85
H31 PEG G . 1.50 36.05 -6.50
H32 PEG G . 1.13 36.47 -7.99
H41 PEG G . 3.14 37.25 -7.84
H42 PEG G . 3.63 36.07 -6.91
HO4 PEG G . 4.21 36.02 -9.12
C1 PGO H . 10.33 14.83 -10.93
C2 PGO H . 10.31 15.55 -12.26
C3 PGO H . 9.26 16.63 -12.18
O1 PGO H . 11.63 14.41 -10.65
O2 PGO H . 10.00 14.65 -13.30
H11 PGO H . 9.74 14.05 -10.98
H12 PGO H . 10.02 15.43 -10.23
H2 PGO H . 11.19 15.95 -12.42
H31 PGO H . 8.44 16.26 -11.83
H32 PGO H . 9.57 17.35 -11.60
H33 PGO H . 9.09 16.99 -13.08
HO1 PGO H . 12.13 15.11 -10.44
HO2 PGO H . 9.17 14.35 -13.20
C1 PGO I . 23.88 0.48 -1.84
C2 PGO I . 23.53 0.60 -3.32
C3 PGO I . 23.26 -0.74 -3.96
O1 PGO I . 24.38 1.72 -1.35
O2 PGO I . 24.61 1.22 -3.96
H11 PGO I . 24.57 -0.21 -1.73
H12 PGO I . 23.08 0.22 -1.34
H2 PGO I . 22.74 1.16 -3.41
H31 PGO I . 22.52 -1.19 -3.51
H32 PGO I . 24.06 -1.30 -3.90
H33 PGO I . 23.02 -0.61 -4.90
HO1 PGO I . 24.70 1.60 -0.53
HO2 PGO I . 24.92 0.69 -4.61
C1 PGO J . 2.02 33.24 -22.41
C2 PGO J . 3.02 33.52 -21.32
C3 PGO J . 2.73 32.64 -20.14
O1 PGO J . 2.21 31.93 -22.85
O2 PGO J . 2.90 34.87 -20.91
H11 PGO J . 2.16 33.86 -23.15
H12 PGO J . 1.11 33.34 -22.06
H2 PGO J . 3.92 33.35 -21.65
H31 PGO J . 3.54 32.14 -19.90
H32 PGO J . 2.03 31.99 -20.39
H33 PGO J . 2.42 33.18 -19.39
HO1 PGO J . 3.02 31.85 -23.21
HO2 PGO J . 3.46 35.02 -20.24
C1 PEG K . 35.57 -1.84 -9.22
O1 PEG K . 36.56 -1.96 -10.23
C2 PEG K . 34.40 -2.81 -9.48
O2 PEG K . 33.49 -2.80 -8.38
C3 PEG K . 32.71 -4.02 -8.19
C4 PEG K . 31.31 -3.71 -8.36
O4 PEG K . 30.49 -4.70 -7.79
H11 PEG K . 35.22 -0.92 -9.22
H12 PEG K . 35.97 -2.04 -8.36
HO1 PEG K . 36.86 -1.16 -10.45
H21 PEG K . 34.75 -3.70 -9.60
H22 PEG K . 33.93 -2.54 -10.29
H31 PEG K . 32.97 -4.69 -8.85
H32 PEG K . 32.87 -4.38 -7.30
H41 PEG K . 31.12 -2.86 -7.94
H42 PEG K . 31.10 -3.64 -9.30
HO4 PEG K . 29.73 -4.66 -8.12
C1 PGO L . 17.23 27.70 -22.43
C1 PGO L . 17.25 26.33 -21.55
C2 PGO L . 15.75 27.45 -22.21
C2 PGO L . 16.54 26.91 -22.76
C3 PGO L . 15.21 26.62 -23.35
C3 PGO L . 16.78 28.39 -22.85
O1 PGO L . 18.00 26.80 -21.65
O1 PGO L . 18.63 26.65 -21.52
O2 PGO L . 15.07 28.68 -22.15
O2 PGO L . 15.16 26.67 -22.64
H11 PGO L . 17.45 28.62 -22.15
H11 PGO L . 17.15 25.35 -21.56
H12 PGO L . 17.45 27.59 -23.37
H12 PGO L . 16.83 26.67 -20.74
H2 PGO L . 15.63 26.98 -21.37
H2 PGO L . 16.87 26.47 -23.57
H31 PGO L . 15.21 27.15 -24.17
H31 PGO L . 16.64 28.79 -21.97
H32 PGO L . 14.30 26.34 -23.15
H32 PGO L . 16.15 28.78 -23.48
H33 PGO L . 15.77 25.83 -23.47
H33 PGO L . 17.69 28.57 -23.14
HO1 PGO L . 18.82 27.12 -21.54
HO1 PGO L . 18.87 26.85 -20.69
HO2 PGO L . 14.24 28.55 -21.89
HO2 PGO L . 14.80 26.62 -23.45
K K M . 23.15 19.26 -17.25
C4 7UJ N . -11.21 -19.29 13.68
C5 7UJ N . -9.87 -18.94 13.76
C6 7UJ N . -8.92 -19.01 12.60
C7 7UJ N . -7.49 -17.70 16.22
C8 7UJ N . -5.99 -17.59 16.14
C10 7UJ N . -4.19 -16.18 15.28
C13 7UJ N . -10.01 -17.78 10.65
C15 7UJ N . -10.37 -16.69 11.64
C17 7UJ N . -9.18 -21.50 10.97
C20 7UJ N . -7.68 -23.37 10.61
C21 7UJ N . -8.28 -24.05 11.67
C22 7UJ N . -9.33 -23.45 12.36
C24 7UJ N . -8.04 -25.94 13.31
C26 7UJ N . -6.86 -27.54 11.36
C28 7UJ N . -7.65 -27.25 13.62
O3 7UJ N . -10.18 -20.15 9.43
C16 7UJ N . -9.68 -20.16 10.55
C19 7UJ N . -8.15 -22.10 10.26
C23 7UJ N . -7.82 -25.44 12.03
C25 7UJ N . -7.25 -26.22 11.04
C27 7UJ N . -7.07 -28.01 12.64
C18 7UJ N . -9.78 -22.16 12.04
N 7UJ N . -9.57 -19.07 11.27
C14 7UJ N . -8.89 -17.28 9.75
C3 7UJ N . -12.02 -19.15 14.77
C2 7UJ N . -11.52 -18.61 15.95
C1 7UJ N . -10.20 -18.26 16.03
C 7UJ N . -9.36 -18.42 14.95
O 7UJ N . -8.03 -18.15 14.96
C9 7UJ N . -5.67 -16.43 15.25
C11 7UJ N . -3.75 -15.22 14.20
C12 7UJ N . -3.86 -13.82 14.71
O1 7UJ N . -4.97 -13.29 14.56
O2 7UJ N . -2.88 -13.28 15.29
H3 7UJ N . -11.61 -19.66 12.75
H4 7UJ N . -8.30 -19.90 12.72
H5 7UJ N . -8.26 -18.14 12.63
H7 7UJ N . -7.77 -18.39 17.01
H6 7UJ N . -7.91 -16.71 16.47
H8 7UJ N . -5.58 -17.43 17.13
H9 7UJ N . -5.58 -18.51 15.74
H13 7UJ N . -3.92 -15.77 16.25
H12 7UJ N . -3.66 -17.13 15.16
H16 7UJ N . -10.90 -17.97 10.02
H20 7UJ N . -11.16 -17.02 12.26
H21 7UJ N . -10.67 -15.82 11.12
H22 7UJ N . -9.53 -16.46 12.24
H25 7UJ N . -6.89 -23.83 10.05
H26 7UJ N . -9.78 -23.98 13.19
H27 7UJ N . -8.51 -25.32 14.08
H29 7UJ N . -6.39 -28.17 10.61
H31 7UJ N . -7.79 -27.64 14.62
H24 7UJ N . -7.69 -21.58 9.43
H28 7UJ N . -7.10 -25.83 10.03
H30 7UJ N . -6.76 -29.02 12.88
H23 7UJ N . -10.61 -21.71 12.58
H18 7UJ N . -9.19 -16.36 9.31
H17 7UJ N . -8.69 -17.99 8.99
H19 7UJ N . -8.02 -17.12 10.33
H2 7UJ N . -13.07 -19.41 14.68
H1 7UJ N . -12.17 -18.52 16.82
H 7UJ N . -9.80 -17.89 16.97
H10 7UJ N . -5.99 -16.64 14.22
H11 7UJ N . -6.19 -15.53 15.58
H14 7UJ N . -2.71 -15.43 13.92
H15 7UJ N . -4.37 -15.35 13.31
C5 B7G O . 3.88 0.69 8.66
O5 B7G O . 3.21 -0.62 8.68
C1 B7G O . 2.49 -0.86 9.94
C2 B7G O . 3.33 -0.63 11.18
C3 B7G O . 3.99 0.70 11.17
C4 B7G O . 4.73 0.96 9.90
C6 B7G O . 4.73 0.68 7.42
O1 B7G O . 2.07 -2.18 9.91
C7 B7G O . 0.78 -2.32 9.33
C8 B7G O . 0.57 -3.76 8.88
C9 B7G O . -0.76 -3.80 8.14
C10 B7G O . -0.92 -5.20 7.54
C11 B7G O . -2.19 -5.18 6.67
C12 B7G O . -1.74 -4.73 5.28
O2 B7G O . 2.43 -0.75 12.30
O3 B7G O . 4.92 0.78 12.30
O4 B7G O . 5.10 2.36 9.86
O6 B7G O . 3.84 0.70 6.33
C13 B7G O . -1.21 -5.94 4.54
H5 B7G O . 3.21 1.38 8.56
H1 B7G O . 1.71 -0.28 9.97
H2 B7G O . 4.01 -1.33 11.24
H3 B7G O . 3.32 1.38 11.27
H4 B7G O . 5.54 0.41 9.87
H61 B7G O . 5.30 1.46 7.41
H62 B7G O . 5.27 -0.14 7.39
H71 B7G O . 0.70 -1.72 8.56
H72 B7G O . 0.09 -2.07 10.00
H81 B7G O . 0.54 -4.35 9.65
H82 B7G O . 1.29 -4.03 8.26
H91 B7G O . -1.49 -3.62 8.76
H92 B7G O . -0.77 -3.14 7.41
H101 B7G O . -1.00 -5.87 8.25
H102 B7G O . -0.14 -5.39 6.98
H111 B7G O . -2.87 -4.56 7.04
H112 B7G O . -2.55 -6.08 6.61
H121 B7G O . -1.03 -4.06 5.36
H122 B7G O . -2.50 -4.35 4.79
HO2 B7G O . 2.27 -1.62 12.47
HO3 B7G O . 5.58 1.35 12.09
HO4 B7G O . 5.94 2.42 9.57
HO6 B7G O . 3.10 0.27 6.55
H131 B7G O . -1.94 -6.59 4.43
H132 B7G O . -0.49 -6.36 5.06
H133 B7G O . -0.88 -5.68 3.67
C1 PEG P . -35.76 0.62 17.37
C1 PEG P . -35.01 -0.35 17.41
O1 PEG P . -36.97 0.36 18.05
O1 PEG P . -36.19 0.42 17.62
C2 PEG P . -34.88 -0.65 17.34
C2 PEG P . -33.95 0.50 16.70
O2 PEG P . -33.70 -0.37 16.60
O2 PEG P . -33.04 -0.36 16.03
C3 PEG P . -32.86 -1.53 16.38
C3 PEG P . -32.01 -0.95 16.87
C4 PEG P . -31.48 -1.18 16.65
C4 PEG P . -31.47 -2.14 16.22
O4 PEG P . -30.63 -2.22 16.24
O4 PEG P . -30.14 -2.36 16.64
H11 PEG P . -35.27 1.34 17.83
H11 PEG P . -35.24 -1.13 16.87
H12 PEG P . -35.96 0.90 16.44
H12 PEG P . -34.66 -0.65 18.28
HO1 PEG P . -36.87 0.54 18.90
HO1 PEG P . -36.48 0.72 16.85
H21 PEG P . -35.37 -1.36 16.91
H21 PEG P . -33.48 1.04 17.34
H22 PEG P . -34.64 -0.89 18.25
H22 PEG P . -34.39 1.08 16.04
H31 PEG P . -32.94 -1.83 15.45
H31 PEG P . -32.41 -1.20 17.73
H32 PEG P . -33.13 -2.25 16.98
H32 PEG P . -31.30 -0.30 17.02
H41 PEG P . -31.25 -0.36 16.15
H41 PEG P . -32.01 -2.90 16.46
H42 PEG P . -31.36 -1.01 17.59
H42 PEG P . -31.49 -2.02 15.27
HO4 PEG P . -31.07 -2.92 16.20
HO4 PEG P . -29.83 -3.02 16.23
C1 PEG Q . -7.17 -18.20 31.31
O1 PEG Q . -6.89 -16.83 31.23
C2 PEG Q . -8.43 -18.44 32.13
O2 PEG Q . -9.54 -18.63 31.25
C3 PEG Q . -10.77 -18.01 31.68
C4 PEG Q . -11.32 -18.61 32.88
O4 PEG Q . -12.02 -17.61 33.56
H11 PEG Q . -7.30 -18.56 30.41
H12 PEG Q . -6.42 -18.67 31.74
HO1 PEG Q . -6.03 -16.72 31.10
H21 PEG Q . -8.32 -19.23 32.69
H22 PEG Q . -8.61 -17.66 32.71
H31 PEG Q . -10.61 -17.06 31.85
H32 PEG Q . -11.42 -18.09 30.96
H41 PEG Q . -10.61 -18.95 33.44
H42 PEG Q . -11.92 -19.33 32.65
HO4 PEG Q . -12.84 -17.73 33.47
C1 PEG R . -14.50 14.41 -0.06
O1 PEG R . -14.66 13.21 -0.80
C2 PEG R . -13.29 14.30 0.88
O2 PEG R . -12.48 15.47 0.81
C3 PEG R . -11.06 15.23 0.63
C4 PEG R . -10.79 14.87 -0.76
O4 PEG R . -9.48 14.42 -0.90
H11 PEG R . -14.36 15.15 -0.69
H12 PEG R . -15.31 14.58 0.47
HO1 PEG R . -15.41 13.23 -1.24
H21 PEG R . -13.61 14.19 1.78
H22 PEG R . -12.75 13.53 0.62
H31 PEG R . -10.77 14.50 1.22
H32 PEG R . -10.56 16.04 0.86
H41 PEG R . -10.93 15.64 -1.32
H42 PEG R . -11.39 14.17 -1.02
HO4 PEG R . -8.95 14.98 -0.56
C1 PGO S . -8.70 -11.55 28.92
C1 PGO S . -8.83 -11.48 27.70
C2 PGO S . -8.04 -10.77 27.80
C2 PGO S . -7.82 -10.83 28.63
C3 PGO S . -8.98 -10.63 26.62
C3 PGO S . -6.48 -10.79 27.98
O1 PGO S . -9.39 -10.65 29.75
O1 PGO S . -9.28 -10.58 26.70
O2 PGO S . -6.88 -11.47 27.41
O2 PGO S . -7.67 -11.57 29.82
H11 PGO S . -9.35 -12.19 28.53
H11 PGO S . -8.42 -12.26 27.27
H12 PGO S . -8.03 -12.03 29.44
H12 PGO S . -9.60 -11.79 28.22
H2 PGO S . -7.79 -9.89 28.12
H2 PGO S . -8.12 -9.93 28.85
H31 PGO S . -9.67 -9.97 26.83
H31 PGO S . -6.05 -9.93 28.16
H32 PGO S . -8.48 -10.35 25.83
H32 PGO S . -6.59 -10.90 27.01
H33 PGO S . -9.41 -11.49 26.44
H33 PGO S . -5.92 -11.51 28.33
HO1 PGO S . -8.80 -10.20 30.24
HO1 PGO S . -9.50 -11.02 25.97
HO2 PGO S . -7.05 -12.34 27.43
HO2 PGO S . -8.20 -11.23 30.45
C1 PGO T . -11.33 -17.98 6.54
C1 PGO T . -11.96 -16.61 6.87
C2 PGO T . -11.88 -16.64 6.10
C2 PGO T . -12.30 -17.99 6.38
C3 PGO T . -12.33 -15.82 7.30
C3 PGO T . -11.14 -18.89 6.70
O1 PGO T . -11.08 -18.78 5.39
O1 PGO T . -12.18 -16.63 8.26
O2 PGO T . -12.96 -16.85 5.24
O2 PGO T . -12.52 -17.95 4.99
H11 PGO T . -11.99 -18.43 7.11
H11 PGO T . -11.02 -16.40 6.69
H12 PGO T . -10.50 -17.86 7.04
H12 PGO T . -12.55 -15.94 6.45
H2 PGO T . -11.18 -16.16 5.63
H2 PGO T . -13.11 -18.31 6.83
H31 PGO T . -12.87 -16.38 7.89
H31 PGO T . -11.47 -19.80 6.85
H32 PGO T . -11.55 -15.50 7.78
H32 PGO T . -10.50 -18.89 5.97
H33 PGO T . -12.86 -15.07 6.99
H33 PGO T . -10.69 -18.58 7.52
HO1 PGO T . -11.72 -18.62 4.78
HO1 PGO T . -12.50 -15.84 8.52
HO2 PGO T . -13.41 -17.58 5.49
HO2 PGO T . -13.39 -18.02 4.83
C1 PGO U . -20.44 -30.79 6.94
C1 PGO U . -22.39 -29.69 9.60
C2 PGO U . -20.94 -31.37 8.24
C2 PGO U . -21.19 -30.59 9.33
C3 PGO U . -21.27 -30.23 9.18
C3 PGO U . -20.65 -30.38 7.93
O1 PGO U . -20.77 -31.67 5.89
O1 PGO U . -22.60 -29.60 11.00
O2 PGO U . -19.93 -32.17 8.79
O2 PGO U . -21.58 -31.94 9.48
H11 PGO U . -19.47 -30.67 6.98
H11 PGO U . -23.17 -30.07 9.17
H12 PGO U . -20.87 -29.92 6.79
H12 PGO U . -22.20 -28.81 9.24
H2 PGO U . -21.74 -31.90 8.08
H2 PGO U . -20.49 -30.39 9.97
H31 PGO U . -20.55 -29.58 9.16
H31 PGO U . -21.36 -30.54 7.28
H32 PGO U . -22.11 -29.81 8.90
H32 PGO U . -20.33 -29.47 7.83
H33 PGO U . -21.38 -30.58 10.08
H33 PGO U . -19.91 -31.01 7.77
HO1 PGO U . -21.65 -31.76 5.85
HO1 PGO U . -23.48 -29.51 11.15
HO2 PGO U . -19.22 -31.67 8.99
HO2 PGO U . -22.12 -32.16 8.82
CL CL V . -24.80 -20.75 12.23
CL CL W . -20.87 -19.29 -5.19
C1 PEG X . -1.86 -6.15 20.90
O1 PEG X . -1.84 -7.54 21.07
C2 PEG X . -2.09 -5.47 22.24
O2 PEG X . -3.18 -4.57 22.11
C3 PEG X . -4.42 -5.02 22.69
C4 PEG X . -5.43 -4.00 22.47
O4 PEG X . -6.72 -4.55 22.34
H11 PEG X . -2.60 -5.91 20.30
H12 PEG X . -1.01 -5.85 20.52
HO1 PEG X . -1.75 -7.94 20.29
H21 PEG X . -2.28 -6.12 22.92
H22 PEG X . -1.29 -4.97 22.49
H31 PEG X . -4.31 -5.17 23.65
H32 PEG X . -4.70 -5.86 22.27
H41 PEG X . -5.43 -3.38 23.21
H42 PEG X . -5.22 -3.51 21.66
HO4 PEG X . -7.25 -3.97 22.06
K K Y . 7.19 -7.45 12.98
#